data_4MCO
#
_entry.id   4MCO
#
_cell.length_a   75.108
_cell.length_b   97.107
_cell.length_c   133.027
_cell.angle_alpha   90.000
_cell.angle_beta   90.000
_cell.angle_gamma   90.000
#
_symmetry.space_group_name_H-M   'P 21 21 21'
#
loop_
_entity.id
_entity.type
_entity.pdbx_description
1 polymer 'TRAP dicarboxylate transporter-DctP subunit'
2 non-polymer 'MALONATE ION'
3 non-polymer '4-(2-HYDROXYETHYL)-1-PIPERAZINE ETHANESULFONIC ACID'
4 water water
#
_entity_poly.entity_id   1
_entity_poly.type   'polypeptide(L)'
_entity_poly.pdbx_seq_one_letter_code
;MQRRQLLQSMGGLAASTMPFSLAFAQTSALKISHQFPGGTIKEGDFRDRLVRNFAAEVEKRSKGAMKFEIYPGSSLMKTN
AQFSSMRKGALDMALIPLSYAGGEVPELNIGLMPGLVVSYEQAYSWKTKPVGIELTRVLQEKGIVLISWIWQAGGVASRG
KPVVEPEDAKGMKIRGGSREMDMILKDAGAAVVSLPSNEIYAAMQTGAMDAAMTSSTSFISFRLEEVAKALTTGRTGAYW
FMFEPLMMSKAIFDKLPKDQRDMLMTVGAEMEKFALEAAKKDDIDVAAVYQKAGAKVVDLSDGTIKKWQDIARKTAWKDY
GAKNEGCAKLLALAQQTLAENLYFQ
;
_entity_poly.pdbx_strand_id   A,B,C
#
loop_
_chem_comp.id
_chem_comp.type
_chem_comp.name
_chem_comp.formula
EPE non-polymer '4-(2-HYDROXYETHYL)-1-PIPERAZINE ETHANESULFONIC ACID' 'C8 H18 N2 O4 S'
MLI non-polymer 'MALONATE ION' 'C3 H2 O4 -2'
#
# COMPACT_ATOMS: atom_id res chain seq x y z
N LEU A 30 -36.89 -15.98 30.70
CA LEU A 30 -35.72 -15.71 29.84
C LEU A 30 -35.54 -16.79 28.77
N LYS A 31 -35.34 -16.38 27.51
CA LYS A 31 -35.18 -17.31 26.40
C LYS A 31 -33.73 -17.69 26.17
N ILE A 32 -33.50 -19.00 26.01
CA ILE A 32 -32.18 -19.49 25.60
C ILE A 32 -32.29 -20.20 24.27
N SER A 33 -31.61 -19.66 23.25
CA SER A 33 -31.66 -20.18 21.88
C SER A 33 -30.35 -20.87 21.48
N HIS A 34 -30.46 -21.99 20.76
CA HIS A 34 -29.26 -22.60 20.17
C HIS A 34 -29.65 -23.41 18.95
N GLN A 35 -28.66 -23.82 18.17
CA GLN A 35 -28.84 -24.50 16.88
C GLN A 35 -28.85 -26.04 16.96
N PHE A 36 -28.55 -26.57 18.13
CA PHE A 36 -28.31 -28.00 18.29
C PHE A 36 -29.57 -28.78 18.60
N PRO A 37 -29.51 -30.11 18.42
CA PRO A 37 -30.73 -30.88 18.66
C PRO A 37 -31.25 -30.79 20.10
N GLY A 38 -32.58 -30.79 20.28
CA GLY A 38 -33.16 -30.74 21.61
C GLY A 38 -33.35 -32.12 22.22
N GLY A 39 -33.26 -32.17 23.54
CA GLY A 39 -33.38 -33.41 24.28
C GLY A 39 -33.85 -33.09 25.67
N THR A 40 -33.43 -33.89 26.64
CA THR A 40 -33.80 -33.63 28.02
C THR A 40 -32.57 -33.24 28.82
N ILE A 41 -32.77 -32.98 30.10
CA ILE A 41 -31.67 -32.68 31.00
C ILE A 41 -30.71 -33.86 31.05
N LYS A 42 -31.25 -35.07 31.14
CA LYS A 42 -30.42 -36.27 31.23
C LYS A 42 -29.83 -36.74 29.91
N GLU A 43 -30.47 -36.46 28.78
CA GLU A 43 -30.05 -37.09 27.55
C GLU A 43 -30.10 -36.16 26.34
N GLY A 44 -29.01 -36.15 25.58
CA GLY A 44 -28.95 -35.43 24.33
C GLY A 44 -27.61 -34.73 24.15
N ASP A 45 -27.60 -33.81 23.19
CA ASP A 45 -26.45 -32.96 22.94
C ASP A 45 -26.06 -32.22 24.22
N PHE A 46 -24.80 -32.37 24.67
CA PHE A 46 -24.45 -31.80 25.96
C PHE A 46 -24.72 -30.30 26.07
N ARG A 47 -24.78 -29.61 24.93
CA ARG A 47 -24.98 -28.14 24.97
C ARG A 47 -26.41 -27.83 25.31
N ASP A 48 -27.32 -28.66 24.79
CA ASP A 48 -28.71 -28.56 25.16
C ASP A 48 -28.90 -28.96 26.62
N ARG A 49 -28.25 -30.04 27.06
CA ARG A 49 -28.33 -30.41 28.46
C ARG A 49 -27.77 -29.29 29.34
N LEU A 50 -26.66 -28.70 28.91
CA LEU A 50 -26.00 -27.68 29.71
C LEU A 50 -26.94 -26.54 29.97
N VAL A 51 -27.60 -26.03 28.93
CA VAL A 51 -28.45 -24.88 29.16
C VAL A 51 -29.70 -25.21 29.95
N ARG A 52 -30.17 -26.46 29.85
CA ARG A 52 -31.26 -26.90 30.73
C ARG A 52 -30.84 -27.02 32.20
N ASN A 53 -29.62 -27.48 32.45
CA ASN A 53 -29.09 -27.54 33.82
C ASN A 53 -28.88 -26.15 34.39
N PHE A 54 -28.37 -25.26 33.55
CA PHE A 54 -28.20 -23.86 33.91
C PHE A 54 -29.53 -23.26 34.33
N ALA A 55 -30.55 -23.41 33.47
CA ALA A 55 -31.87 -22.87 33.75
C ALA A 55 -32.41 -23.44 35.05
N ALA A 56 -32.31 -24.75 35.19
CA ALA A 56 -32.86 -25.45 36.34
C ALA A 56 -32.20 -24.97 37.64
N GLU A 57 -30.89 -24.73 37.62
CA GLU A 57 -30.16 -24.37 38.83
C GLU A 57 -30.43 -22.93 39.20
N VAL A 58 -30.49 -22.06 38.20
CA VAL A 58 -30.77 -20.65 38.46
C VAL A 58 -32.18 -20.52 39.01
N GLU A 59 -33.10 -21.27 38.44
CA GLU A 59 -34.49 -21.27 38.91
C GLU A 59 -34.56 -21.69 40.37
N LYS A 60 -33.96 -22.83 40.67
CA LYS A 60 -33.89 -23.34 42.04
C LYS A 60 -33.33 -22.29 42.98
N ARG A 61 -32.20 -21.70 42.61
CA ARG A 61 -31.54 -20.73 43.48
C ARG A 61 -32.30 -19.40 43.60
N SER A 62 -33.00 -19.01 42.54
CA SER A 62 -33.69 -17.73 42.50
C SER A 62 -35.15 -17.82 42.95
N LYS A 63 -35.62 -19.05 43.11
CA LYS A 63 -37.00 -19.29 43.53
C LYS A 63 -38.02 -18.57 42.65
N GLY A 64 -38.08 -18.98 41.39
CA GLY A 64 -39.12 -18.51 40.49
C GLY A 64 -38.91 -17.10 39.97
N ALA A 65 -38.06 -16.33 40.64
CA ALA A 65 -37.83 -14.95 40.25
C ALA A 65 -37.37 -14.92 38.81
N MET A 66 -36.54 -15.90 38.45
CA MET A 66 -36.08 -16.07 37.09
C MET A 66 -36.54 -17.43 36.58
N LYS A 67 -37.21 -17.43 35.43
CA LYS A 67 -37.61 -18.67 34.77
C LYS A 67 -37.06 -18.62 33.35
N PHE A 68 -36.89 -19.79 32.75
CA PHE A 68 -36.31 -19.87 31.42
C PHE A 68 -37.15 -20.69 30.47
N GLU A 69 -36.98 -20.41 29.18
CA GLU A 69 -37.56 -21.20 28.10
C GLU A 69 -36.42 -21.53 27.15
N ILE A 70 -36.25 -22.82 26.83
CA ILE A 70 -35.18 -23.29 25.94
C ILE A 70 -35.67 -23.50 24.52
N TYR A 71 -34.93 -22.98 23.53
CA TYR A 71 -35.31 -23.10 22.11
C TYR A 71 -34.20 -23.78 21.27
N PRO A 72 -34.19 -25.11 21.25
CA PRO A 72 -33.16 -25.87 20.53
C PRO A 72 -33.42 -25.90 19.02
N GLY A 73 -32.47 -26.38 18.23
CA GLY A 73 -32.71 -26.67 16.82
C GLY A 73 -33.15 -25.49 15.98
N SER A 74 -32.74 -24.29 16.41
CA SER A 74 -33.10 -23.04 15.72
C SER A 74 -34.60 -22.85 15.69
N SER A 75 -35.28 -23.29 16.75
CA SER A 75 -36.73 -23.18 16.82
C SER A 75 -37.19 -21.76 17.12
N LEU A 76 -36.29 -20.90 17.60
CA LEU A 76 -36.66 -19.49 17.84
C LEU A 76 -36.35 -18.60 16.63
N MET A 77 -35.16 -18.81 16.06
CA MET A 77 -34.66 -18.02 14.94
C MET A 77 -33.47 -18.76 14.32
N LYS A 78 -33.09 -18.34 13.11
CA LYS A 78 -31.97 -18.97 12.43
C LYS A 78 -30.66 -18.78 13.16
N THR A 79 -29.75 -19.71 12.92
CA THR A 79 -28.48 -19.74 13.60
C THR A 79 -27.73 -18.42 13.51
N ASN A 80 -27.69 -17.85 12.30
CA ASN A 80 -26.92 -16.62 12.05
C ASN A 80 -27.56 -15.35 12.55
N ALA A 81 -28.76 -15.44 13.13
CA ALA A 81 -29.42 -14.27 13.68
C ALA A 81 -29.31 -14.15 15.21
N GLN A 82 -28.82 -15.21 15.85
CA GLN A 82 -28.79 -15.24 17.31
C GLN A 82 -27.86 -14.19 17.94
N PHE A 83 -26.66 -14.07 17.41
CA PHE A 83 -25.66 -13.19 18.00
C PHE A 83 -26.08 -11.73 17.92
N SER A 84 -26.43 -11.28 16.71
CA SER A 84 -26.86 -9.91 16.53
C SER A 84 -28.14 -9.62 17.35
N SER A 85 -29.02 -10.60 17.46
CA SER A 85 -30.24 -10.41 18.24
C SER A 85 -29.91 -10.16 19.70
N MET A 86 -28.93 -10.89 20.24
CA MET A 86 -28.54 -10.66 21.62
C MET A 86 -27.98 -9.28 21.79
N ARG A 87 -27.15 -8.87 20.83
CA ARG A 87 -26.47 -7.58 20.92
C ARG A 87 -27.51 -6.47 21.02
N LYS A 88 -28.61 -6.68 20.33
CA LYS A 88 -29.71 -5.70 20.26
C LYS A 88 -30.72 -5.81 21.41
N GLY A 89 -30.53 -6.79 22.26
CA GLY A 89 -31.44 -7.03 23.36
C GLY A 89 -32.72 -7.69 22.94
N ALA A 90 -32.74 -8.22 21.72
CA ALA A 90 -33.92 -8.86 21.15
C ALA A 90 -33.95 -10.35 21.52
N LEU A 91 -32.80 -10.87 21.95
CA LEU A 91 -32.69 -12.24 22.41
C LEU A 91 -31.95 -12.24 23.74
N ASP A 92 -32.53 -12.87 24.75
CA ASP A 92 -31.90 -12.92 26.08
C ASP A 92 -30.59 -13.68 26.09
N MET A 93 -30.60 -14.97 25.74
CA MET A 93 -29.39 -15.79 25.80
C MET A 93 -29.28 -16.72 24.62
N ALA A 94 -28.05 -17.13 24.31
CA ALA A 94 -27.83 -18.16 23.30
C ALA A 94 -26.48 -18.82 23.49
N LEU A 95 -26.42 -20.06 23.04
CA LEU A 95 -25.17 -20.78 23.02
C LEU A 95 -24.80 -20.92 21.56
N ILE A 96 -23.72 -20.28 21.16
CA ILE A 96 -23.32 -20.20 19.75
C ILE A 96 -21.82 -20.29 19.59
N PRO A 97 -21.36 -21.00 18.56
CA PRO A 97 -19.92 -20.90 18.21
C PRO A 97 -19.54 -19.42 18.02
N LEU A 98 -18.55 -18.96 18.77
CA LEU A 98 -18.27 -17.53 18.86
C LEU A 98 -17.84 -16.99 17.50
N SER A 99 -17.02 -17.77 16.80
CA SER A 99 -16.35 -17.28 15.60
C SER A 99 -17.30 -17.15 14.41
N TYR A 100 -18.53 -17.63 14.54
CA TYR A 100 -19.53 -17.41 13.50
C TYR A 100 -19.72 -15.89 13.27
N ALA A 101 -19.40 -15.09 14.30
CA ALA A 101 -19.56 -13.65 14.25
C ALA A 101 -18.28 -12.92 13.83
N GLY A 102 -17.29 -13.65 13.33
CA GLY A 102 -16.03 -13.06 12.93
C GLY A 102 -16.11 -12.11 11.73
N GLY A 103 -17.16 -12.20 10.93
CA GLY A 103 -17.34 -11.25 9.84
C GLY A 103 -17.61 -9.83 10.32
N GLU A 104 -18.45 -9.68 11.34
CA GLU A 104 -18.72 -8.35 11.86
C GLU A 104 -17.75 -7.90 12.97
N VAL A 105 -17.17 -8.86 13.70
CA VAL A 105 -16.18 -8.56 14.74
C VAL A 105 -14.97 -9.51 14.57
N PRO A 106 -13.96 -9.05 13.82
CA PRO A 106 -12.88 -9.96 13.40
C PRO A 106 -12.16 -10.61 14.58
N GLU A 107 -12.07 -9.89 15.69
CA GLU A 107 -11.45 -10.40 16.91
C GLU A 107 -11.97 -11.79 17.29
N LEU A 108 -13.25 -12.04 17.01
CA LEU A 108 -13.93 -13.27 17.42
C LEU A 108 -13.49 -14.51 16.64
N ASN A 109 -12.72 -14.31 15.56
CA ASN A 109 -12.19 -15.42 14.79
C ASN A 109 -11.24 -16.30 15.57
N ILE A 110 -10.76 -15.81 16.70
CA ILE A 110 -9.88 -16.56 17.57
C ILE A 110 -10.59 -17.79 18.16
N GLY A 111 -11.93 -17.80 18.11
CA GLY A 111 -12.69 -18.89 18.67
C GLY A 111 -12.44 -20.24 17.99
N LEU A 112 -11.98 -20.21 16.73
CA LEU A 112 -11.53 -21.43 16.05
C LEU A 112 -10.33 -21.11 15.18
N MET A 113 -9.16 -21.42 15.72
CA MET A 113 -7.89 -21.12 15.04
C MET A 113 -6.81 -22.01 15.59
N PRO A 114 -6.48 -23.03 14.81
CA PRO A 114 -5.53 -24.03 15.27
C PRO A 114 -4.17 -23.43 15.66
N GLY A 115 -3.51 -24.15 16.55
CA GLY A 115 -2.21 -23.75 17.08
C GLY A 115 -2.31 -22.91 18.33
N LEU A 116 -3.38 -22.15 18.50
CA LEU A 116 -3.51 -21.33 19.72
C LEU A 116 -4.09 -22.12 20.89
N VAL A 117 -4.76 -23.21 20.59
CA VAL A 117 -5.28 -24.08 21.62
C VAL A 117 -4.72 -25.44 21.35
N VAL A 118 -4.09 -26.03 22.38
CA VAL A 118 -3.48 -27.35 22.27
C VAL A 118 -4.10 -28.39 23.19
N SER A 119 -4.80 -27.93 24.23
CA SER A 119 -5.47 -28.82 25.17
C SER A 119 -6.64 -28.13 25.82
N TYR A 120 -7.55 -28.91 26.41
CA TYR A 120 -8.67 -28.34 27.14
C TYR A 120 -8.18 -27.52 28.35
N GLU A 121 -7.17 -28.05 29.06
CA GLU A 121 -6.67 -27.42 30.27
C GLU A 121 -6.16 -26.04 29.91
N GLN A 122 -5.41 -26.00 28.83
CA GLN A 122 -4.82 -24.74 28.42
C GLN A 122 -5.89 -23.77 27.89
N ALA A 123 -6.85 -24.27 27.12
CA ALA A 123 -7.91 -23.43 26.59
C ALA A 123 -8.77 -22.83 27.69
N TYR A 124 -9.20 -23.63 28.66
CA TYR A 124 -9.98 -23.07 29.76
C TYR A 124 -9.17 -22.11 30.64
N SER A 125 -7.86 -22.29 30.69
CA SER A 125 -6.97 -21.39 31.45
C SER A 125 -7.04 -19.96 30.94
N TRP A 126 -7.52 -19.78 29.70
CA TRP A 126 -7.60 -18.45 29.12
C TRP A 126 -8.46 -17.49 29.95
N LYS A 127 -9.46 -18.03 30.61
CA LYS A 127 -10.55 -17.21 31.16
C LYS A 127 -10.07 -16.11 32.09
N THR A 128 -9.17 -16.43 32.99
CA THR A 128 -8.72 -15.47 33.97
C THR A 128 -7.40 -14.80 33.57
N LYS A 129 -6.82 -15.25 32.47
CA LYS A 129 -5.58 -14.68 31.96
C LYS A 129 -5.85 -13.50 31.02
N PRO A 130 -4.79 -12.74 30.67
CA PRO A 130 -5.02 -11.53 29.88
C PRO A 130 -5.82 -11.81 28.61
N VAL A 131 -5.63 -12.94 27.95
CA VAL A 131 -6.34 -13.20 26.71
C VAL A 131 -7.86 -13.26 26.99
N GLY A 132 -8.27 -13.94 28.05
CA GLY A 132 -9.69 -14.08 28.34
C GLY A 132 -10.31 -12.80 28.85
N ILE A 133 -9.54 -12.05 29.61
CA ILE A 133 -10.01 -10.75 30.09
C ILE A 133 -10.27 -9.85 28.89
N GLU A 134 -9.36 -9.89 27.90
CA GLU A 134 -9.48 -9.06 26.71
C GLU A 134 -10.65 -9.51 25.84
N LEU A 135 -10.77 -10.83 25.61
CA LEU A 135 -11.93 -11.31 24.86
C LEU A 135 -13.23 -10.88 25.53
N THR A 136 -13.28 -10.99 26.85
CA THR A 136 -14.49 -10.62 27.59
C THR A 136 -14.77 -9.12 27.41
N ARG A 137 -13.72 -8.31 27.49
CA ARG A 137 -13.84 -6.86 27.30
C ARG A 137 -14.39 -6.50 25.91
N VAL A 138 -13.85 -7.15 24.88
CA VAL A 138 -14.28 -6.91 23.51
C VAL A 138 -15.76 -7.25 23.38
N LEU A 139 -16.16 -8.43 23.89
CA LEU A 139 -17.57 -8.81 23.84
C LEU A 139 -18.49 -7.82 24.58
N GLN A 140 -18.06 -7.34 25.75
CA GLN A 140 -18.85 -6.37 26.48
C GLN A 140 -19.05 -5.13 25.64
N GLU A 141 -18.02 -4.70 24.93
CA GLU A 141 -18.17 -3.49 24.12
C GLU A 141 -19.16 -3.68 22.96
N LYS A 142 -19.36 -4.93 22.55
CA LYS A 142 -20.30 -5.27 21.48
C LYS A 142 -21.66 -5.70 21.99
N GLY A 143 -21.88 -5.60 23.30
CA GLY A 143 -23.18 -5.89 23.90
C GLY A 143 -23.40 -7.31 24.37
N ILE A 144 -22.34 -8.05 24.64
CA ILE A 144 -22.45 -9.47 24.95
C ILE A 144 -21.75 -9.80 26.27
N VAL A 145 -22.46 -10.56 27.11
CA VAL A 145 -21.93 -11.08 28.38
C VAL A 145 -21.53 -12.53 28.21
N LEU A 146 -20.32 -12.91 28.64
CA LEU A 146 -19.91 -14.33 28.60
C LEU A 146 -20.39 -15.03 29.85
N ILE A 147 -21.31 -15.98 29.70
CA ILE A 147 -21.93 -16.66 30.82
C ILE A 147 -21.19 -17.97 31.19
N SER A 148 -20.93 -18.82 30.19
CA SER A 148 -20.13 -20.03 30.37
C SER A 148 -19.12 -20.19 29.24
N TRP A 149 -17.85 -20.32 29.60
CA TRP A 149 -16.83 -20.73 28.66
C TRP A 149 -17.05 -22.20 28.29
N ILE A 150 -17.01 -22.49 26.98
CA ILE A 150 -17.15 -23.85 26.47
C ILE A 150 -16.22 -24.04 25.28
N TRP A 151 -15.31 -25.00 25.41
CA TRP A 151 -14.38 -25.38 24.35
C TRP A 151 -14.61 -26.83 23.96
N GLN A 152 -14.56 -27.11 22.66
CA GLN A 152 -14.80 -28.45 22.14
C GLN A 152 -13.80 -28.88 21.11
N ALA A 153 -13.19 -30.03 21.33
CA ALA A 153 -12.31 -30.63 20.33
C ALA A 153 -13.14 -31.18 19.21
N GLY A 154 -12.53 -31.28 18.04
CA GLY A 154 -13.24 -31.76 16.87
C GLY A 154 -12.54 -32.89 16.14
N GLY A 155 -12.79 -32.94 14.85
CA GLY A 155 -12.37 -34.04 13.98
C GLY A 155 -12.89 -33.76 12.58
N VAL A 156 -12.88 -34.78 11.72
CA VAL A 156 -13.29 -34.63 10.32
C VAL A 156 -14.08 -35.83 9.87
N ALA A 157 -15.26 -35.60 9.30
CA ALA A 157 -16.00 -36.68 8.66
C ALA A 157 -15.89 -36.52 7.15
N SER A 158 -15.67 -37.63 6.45
CA SER A 158 -15.43 -37.60 5.02
C SER A 158 -16.33 -38.59 4.29
N ARG A 159 -16.81 -38.21 3.11
CA ARG A 159 -17.59 -39.12 2.26
C ARG A 159 -16.69 -40.13 1.55
N GLY A 160 -15.38 -39.98 1.67
CA GLY A 160 -14.50 -40.94 1.03
C GLY A 160 -13.41 -41.40 1.98
N LYS A 161 -12.17 -41.11 1.62
CA LYS A 161 -11.03 -41.44 2.47
C LYS A 161 -10.98 -40.54 3.69
N PRO A 162 -10.42 -41.05 4.80
CA PRO A 162 -10.21 -40.18 5.97
C PRO A 162 -9.28 -39.03 5.63
N VAL A 163 -9.60 -37.87 6.19
CA VAL A 163 -8.77 -36.71 6.05
C VAL A 163 -7.91 -36.65 7.32
N VAL A 164 -6.62 -36.93 7.16
CA VAL A 164 -5.69 -37.08 8.30
C VAL A 164 -4.60 -36.03 8.24
N GLU A 165 -3.74 -36.12 7.23
CA GLU A 165 -2.69 -35.12 7.01
C GLU A 165 -3.25 -33.90 6.29
N PRO A 166 -2.63 -32.73 6.50
CA PRO A 166 -3.14 -31.57 5.77
C PRO A 166 -3.18 -31.79 4.25
N GLU A 167 -2.18 -32.49 3.70
CA GLU A 167 -2.09 -32.73 2.27
C GLU A 167 -3.25 -33.61 1.77
N ASP A 168 -3.91 -34.32 2.68
CA ASP A 168 -5.10 -35.10 2.32
C ASP A 168 -6.25 -34.20 1.83
N ALA A 169 -6.22 -32.94 2.24
CA ALA A 169 -7.29 -32.01 1.89
C ALA A 169 -7.18 -31.51 0.45
N LYS A 170 -6.03 -31.74 -0.17
CA LYS A 170 -5.76 -31.20 -1.49
C LYS A 170 -6.79 -31.73 -2.49
N GLY A 171 -7.47 -30.80 -3.14
CA GLY A 171 -8.40 -31.15 -4.18
C GLY A 171 -9.78 -31.52 -3.65
N MET A 172 -9.97 -31.49 -2.32
CA MET A 172 -11.26 -31.82 -1.72
C MET A 172 -12.04 -30.53 -1.49
N LYS A 173 -13.36 -30.63 -1.30
CA LYS A 173 -14.16 -29.49 -0.87
C LYS A 173 -14.52 -29.76 0.59
N ILE A 174 -14.13 -28.86 1.48
CA ILE A 174 -14.23 -29.14 2.90
C ILE A 174 -14.79 -27.94 3.64
N ARG A 175 -15.67 -28.21 4.60
CA ARG A 175 -16.16 -27.23 5.55
C ARG A 175 -15.26 -27.28 6.80
N GLY A 176 -14.44 -26.25 7.00
CA GLY A 176 -13.58 -26.21 8.18
C GLY A 176 -14.28 -25.67 9.42
N GLY A 177 -15.23 -24.75 9.26
CA GLY A 177 -15.99 -24.24 10.38
C GLY A 177 -15.75 -22.78 10.73
N SER A 178 -14.67 -22.21 10.25
CA SER A 178 -14.36 -20.79 10.51
C SER A 178 -13.44 -20.27 9.44
N ARG A 179 -13.34 -18.96 9.34
CA ARG A 179 -12.42 -18.35 8.40
C ARG A 179 -11.01 -18.90 8.56
N GLU A 180 -10.52 -18.92 9.79
CA GLU A 180 -9.13 -19.29 10.00
C GLU A 180 -8.87 -20.80 9.80
N MET A 181 -9.81 -21.67 10.14
CA MET A 181 -9.68 -23.08 9.80
C MET A 181 -9.65 -23.23 8.28
N ASP A 182 -10.48 -22.44 7.59
CA ASP A 182 -10.59 -22.54 6.14
C ASP A 182 -9.35 -21.96 5.45
N MET A 183 -8.70 -20.99 6.06
CA MET A 183 -7.49 -20.43 5.50
C MET A 183 -6.40 -21.48 5.47
N ILE A 184 -6.36 -22.33 6.51
CA ILE A 184 -5.41 -23.44 6.55
C ILE A 184 -5.74 -24.44 5.45
N LEU A 185 -7.03 -24.79 5.33
CA LEU A 185 -7.47 -25.74 4.32
C LEU A 185 -7.17 -25.25 2.90
N LYS A 186 -7.37 -23.96 2.69
CA LYS A 186 -7.10 -23.35 1.39
C LYS A 186 -5.60 -23.48 1.07
N ASP A 187 -4.75 -23.22 2.06
CA ASP A 187 -3.32 -23.37 1.86
C ASP A 187 -2.98 -24.79 1.43
N ALA A 188 -3.70 -25.76 2.00
CA ALA A 188 -3.46 -27.18 1.75
C ALA A 188 -3.99 -27.64 0.42
N GLY A 189 -4.69 -26.74 -0.27
CA GLY A 189 -5.19 -27.00 -1.60
C GLY A 189 -6.66 -27.42 -1.66
N ALA A 190 -7.39 -27.26 -0.56
CA ALA A 190 -8.83 -27.54 -0.59
C ALA A 190 -9.63 -26.35 -1.13
N ALA A 191 -10.81 -26.65 -1.67
CA ALA A 191 -11.84 -25.63 -1.82
C ALA A 191 -12.59 -25.67 -0.50
N VAL A 192 -13.02 -24.53 -0.01
CA VAL A 192 -13.66 -24.47 1.30
C VAL A 192 -15.08 -23.98 1.16
N VAL A 193 -15.92 -24.41 2.09
CA VAL A 193 -17.34 -24.11 2.09
C VAL A 193 -17.75 -23.61 3.45
N SER A 194 -18.46 -22.48 3.48
CA SER A 194 -18.88 -21.87 4.73
C SER A 194 -20.35 -22.19 5.00
N LEU A 195 -20.61 -22.80 6.16
CA LEU A 195 -21.98 -22.99 6.65
C LEU A 195 -22.00 -23.32 8.13
N PRO A 196 -23.08 -22.95 8.83
CA PRO A 196 -23.17 -23.29 10.24
C PRO A 196 -23.31 -24.81 10.40
N SER A 197 -22.93 -25.36 11.55
CA SER A 197 -22.85 -26.82 11.60
C SER A 197 -24.20 -27.54 11.46
N ASN A 198 -25.30 -26.86 11.79
CA ASN A 198 -26.60 -27.47 11.62
C ASN A 198 -26.96 -27.71 10.15
N GLU A 199 -26.17 -27.17 9.24
CA GLU A 199 -26.38 -27.36 7.81
C GLU A 199 -25.43 -28.39 7.18
N ILE A 200 -24.51 -28.94 7.98
CA ILE A 200 -23.60 -29.95 7.45
C ILE A 200 -24.29 -31.20 6.91
N TYR A 201 -25.26 -31.74 7.65
CA TYR A 201 -25.85 -33.03 7.29
C TYR A 201 -26.36 -32.95 5.87
N ALA A 202 -27.15 -31.92 5.59
CA ALA A 202 -27.75 -31.77 4.26
C ALA A 202 -26.72 -31.53 3.15
N ALA A 203 -25.67 -30.77 3.47
CA ALA A 203 -24.65 -30.50 2.49
C ALA A 203 -23.83 -31.76 2.16
N MET A 204 -23.51 -32.58 3.17
CA MET A 204 -22.81 -33.82 2.92
C MET A 204 -23.72 -34.78 2.17
N GLN A 205 -24.97 -34.83 2.60
CA GLN A 205 -25.95 -35.73 1.99
C GLN A 205 -26.06 -35.49 0.48
N THR A 206 -26.10 -34.21 0.10
CA THR A 206 -26.34 -33.82 -1.28
C THR A 206 -25.05 -33.65 -2.07
N GLY A 207 -23.92 -33.99 -1.46
CA GLY A 207 -22.64 -33.89 -2.14
C GLY A 207 -22.12 -32.48 -2.37
N ALA A 208 -22.55 -31.53 -1.55
CA ALA A 208 -22.10 -30.15 -1.71
C ALA A 208 -20.68 -29.99 -1.19
N MET A 209 -20.20 -31.02 -0.49
CA MET A 209 -18.82 -31.03 0.00
C MET A 209 -18.38 -32.48 0.16
N ASP A 210 -17.07 -32.67 0.30
CA ASP A 210 -16.48 -33.99 0.49
C ASP A 210 -16.33 -34.34 1.95
N ALA A 211 -16.04 -33.33 2.76
CA ALA A 211 -15.73 -33.54 4.16
C ALA A 211 -16.10 -32.34 4.98
N ALA A 212 -16.35 -32.59 6.26
CA ALA A 212 -16.68 -31.54 7.21
C ALA A 212 -15.96 -31.72 8.52
N MET A 213 -15.47 -30.62 9.06
CA MET A 213 -14.99 -30.57 10.42
C MET A 213 -16.06 -29.98 11.32
N THR A 214 -16.19 -30.56 12.52
CA THR A 214 -17.05 -30.07 13.57
C THR A 214 -16.64 -30.75 14.88
N SER A 215 -17.38 -30.51 15.95
CA SER A 215 -17.06 -31.07 17.26
C SER A 215 -17.45 -32.54 17.37
N SER A 216 -16.81 -33.24 18.30
CA SER A 216 -17.20 -34.61 18.59
C SER A 216 -18.68 -34.69 18.91
N THR A 217 -19.17 -33.78 19.75
CA THR A 217 -20.59 -33.78 20.11
C THR A 217 -21.48 -33.64 18.89
N SER A 218 -21.12 -32.76 17.98
CA SER A 218 -21.90 -32.58 16.77
C SER A 218 -21.88 -33.76 15.83
N PHE A 219 -20.72 -34.39 15.70
CA PHE A 219 -20.66 -35.60 14.89
C PHE A 219 -21.69 -36.58 15.39
N ILE A 220 -21.91 -36.63 16.70
CA ILE A 220 -22.95 -37.52 17.23
C ILE A 220 -24.36 -36.92 17.02
N SER A 221 -24.57 -35.70 17.48
CA SER A 221 -25.95 -35.23 17.56
C SER A 221 -26.56 -34.90 16.18
N PHE A 222 -25.72 -34.50 15.24
CA PHE A 222 -26.19 -34.26 13.88
C PHE A 222 -26.22 -35.55 13.05
N ARG A 223 -25.85 -36.66 13.66
CA ARG A 223 -25.96 -37.99 13.01
C ARG A 223 -25.17 -38.10 11.70
N LEU A 224 -23.96 -37.53 11.68
CA LEU A 224 -23.22 -37.44 10.44
C LEU A 224 -22.64 -38.78 10.01
N GLU A 225 -22.74 -39.81 10.85
CA GLU A 225 -22.39 -41.17 10.42
C GLU A 225 -23.36 -41.68 9.34
N GLU A 226 -24.49 -41.01 9.16
CA GLU A 226 -25.42 -41.36 8.09
C GLU A 226 -25.00 -40.85 6.72
N VAL A 227 -24.04 -39.91 6.70
CA VAL A 227 -23.66 -39.18 5.49
C VAL A 227 -22.15 -39.13 5.26
N ALA A 228 -21.45 -40.05 5.88
CA ALA A 228 -20.01 -40.11 5.74
C ALA A 228 -19.56 -41.56 5.77
N LYS A 229 -18.37 -41.83 5.27
CA LYS A 229 -17.75 -43.14 5.33
C LYS A 229 -16.55 -43.22 6.27
N ALA A 230 -16.01 -42.07 6.67
CA ALA A 230 -14.79 -42.07 7.47
C ALA A 230 -14.82 -40.95 8.49
N LEU A 231 -14.21 -41.18 9.65
CA LEU A 231 -14.10 -40.17 10.68
C LEU A 231 -12.68 -40.14 11.24
N THR A 232 -12.12 -38.94 11.30
CA THR A 232 -10.88 -38.70 12.00
C THR A 232 -11.26 -38.09 13.34
N THR A 233 -10.86 -38.73 14.43
CA THR A 233 -11.33 -38.34 15.74
C THR A 233 -10.33 -37.45 16.45
N GLY A 234 -10.72 -36.97 17.63
CA GLY A 234 -9.81 -36.30 18.55
C GLY A 234 -9.38 -37.14 19.74
N ARG A 235 -9.49 -38.47 19.63
CA ARG A 235 -9.19 -39.35 20.77
C ARG A 235 -7.75 -39.24 21.29
N THR A 236 -6.82 -39.05 20.38
CA THR A 236 -5.41 -38.96 20.73
C THR A 236 -4.89 -37.55 20.49
N GLY A 237 -5.82 -36.60 20.58
CA GLY A 237 -5.49 -35.20 20.41
C GLY A 237 -6.17 -34.62 19.18
N ALA A 238 -6.17 -33.30 19.12
CA ALA A 238 -6.88 -32.61 18.07
C ALA A 238 -6.18 -31.31 17.76
N TYR A 239 -6.27 -30.86 16.52
CA TYR A 239 -5.89 -29.46 16.18
C TYR A 239 -7.08 -28.51 16.18
N TRP A 240 -8.29 -29.07 16.07
CA TRP A 240 -9.52 -28.29 15.98
C TRP A 240 -10.15 -28.18 17.36
N PHE A 241 -10.22 -26.96 17.88
CA PHE A 241 -10.90 -26.67 19.14
C PHE A 241 -11.73 -25.42 18.95
N MET A 242 -13.04 -25.53 19.15
CA MET A 242 -13.92 -24.37 18.93
C MET A 242 -14.54 -23.88 20.22
N PHE A 243 -14.58 -22.57 20.34
CA PHE A 243 -15.17 -21.92 21.49
C PHE A 243 -16.65 -21.71 21.19
N GLU A 244 -17.52 -22.28 22.01
CA GLU A 244 -18.97 -22.24 21.80
C GLU A 244 -19.70 -21.81 23.07
N PRO A 245 -19.43 -20.60 23.53
CA PRO A 245 -19.94 -20.19 24.86
C PRO A 245 -21.44 -19.95 24.97
N LEU A 246 -21.94 -20.07 26.19
CA LEU A 246 -23.25 -19.58 26.53
C LEU A 246 -23.07 -18.10 26.80
N MET A 247 -23.91 -17.32 26.15
CA MET A 247 -23.80 -15.86 26.18
C MET A 247 -25.15 -15.24 26.51
N MET A 248 -25.14 -13.95 26.84
CA MET A 248 -26.37 -13.24 27.19
C MET A 248 -26.24 -11.82 26.68
N SER A 249 -27.37 -11.24 26.31
CA SER A 249 -27.43 -9.84 25.93
C SER A 249 -27.02 -8.96 27.12
N LYS A 250 -26.06 -8.07 26.91
CA LYS A 250 -25.68 -7.14 27.97
C LYS A 250 -26.82 -6.20 28.31
N ALA A 251 -27.61 -5.82 27.31
CA ALA A 251 -28.71 -4.88 27.56
C ALA A 251 -29.71 -5.50 28.54
N ILE A 252 -29.97 -6.79 28.40
CA ILE A 252 -30.89 -7.49 29.28
C ILE A 252 -30.27 -7.76 30.65
N PHE A 253 -29.04 -8.25 30.64
CA PHE A 253 -28.35 -8.63 31.86
C PHE A 253 -28.21 -7.43 32.80
N ASP A 254 -27.76 -6.30 32.25
CA ASP A 254 -27.55 -5.10 33.04
C ASP A 254 -28.84 -4.56 33.71
N LYS A 255 -30.01 -4.86 33.14
CA LYS A 255 -31.27 -4.34 33.71
C LYS A 255 -31.77 -5.17 34.89
N LEU A 256 -31.25 -6.38 35.01
CA LEU A 256 -31.64 -7.28 36.08
C LEU A 256 -31.04 -6.77 37.39
N PRO A 257 -31.68 -7.14 38.52
CA PRO A 257 -31.13 -6.83 39.85
C PRO A 257 -29.79 -7.51 40.07
N LYS A 258 -28.96 -6.92 40.92
CA LYS A 258 -27.63 -7.43 41.17
C LYS A 258 -27.62 -8.91 41.60
N ASP A 259 -28.58 -9.31 42.43
CA ASP A 259 -28.57 -10.66 42.99
C ASP A 259 -28.81 -11.68 41.89
N GLN A 260 -29.56 -11.26 40.86
CA GLN A 260 -29.88 -12.12 39.73
C GLN A 260 -28.70 -12.15 38.76
N ARG A 261 -28.10 -10.99 38.52
CA ARG A 261 -26.88 -10.94 37.72
C ARG A 261 -25.84 -11.89 38.33
N ASP A 262 -25.56 -11.72 39.62
CA ASP A 262 -24.55 -12.54 40.27
C ASP A 262 -24.86 -14.02 40.12
N MET A 263 -26.13 -14.37 40.24
CA MET A 263 -26.55 -15.77 40.16
C MET A 263 -26.32 -16.34 38.77
N LEU A 264 -26.65 -15.57 37.75
CA LEU A 264 -26.38 -16.01 36.39
C LEU A 264 -24.89 -16.29 36.18
N MET A 265 -24.04 -15.39 36.69
CA MET A 265 -22.60 -15.54 36.55
C MET A 265 -22.09 -16.75 37.34
N THR A 266 -22.62 -16.94 38.54
CA THR A 266 -22.13 -18.00 39.40
C THR A 266 -22.49 -19.36 38.80
N VAL A 267 -23.75 -19.52 38.43
CA VAL A 267 -24.19 -20.77 37.84
C VAL A 267 -23.49 -20.96 36.50
N GLY A 268 -23.29 -19.86 35.76
CA GLY A 268 -22.65 -19.93 34.46
C GLY A 268 -21.28 -20.56 34.57
N ALA A 269 -20.52 -20.13 35.57
CA ALA A 269 -19.16 -20.64 35.73
C ALA A 269 -19.18 -22.11 36.10
N GLU A 270 -20.17 -22.53 36.88
CA GLU A 270 -20.29 -23.91 37.30
C GLU A 270 -20.50 -24.85 36.10
N MET A 271 -21.10 -24.33 35.03
CA MET A 271 -21.40 -25.13 33.85
C MET A 271 -20.13 -25.53 33.10
N GLU A 272 -19.03 -24.86 33.39
CA GLU A 272 -17.81 -25.09 32.62
C GLU A 272 -17.20 -26.48 32.91
N LYS A 273 -17.24 -26.89 34.18
CA LYS A 273 -16.80 -28.25 34.52
C LYS A 273 -17.67 -29.30 33.81
N PHE A 274 -18.96 -29.02 33.70
CA PHE A 274 -19.88 -29.92 33.01
C PHE A 274 -19.52 -30.04 31.53
N ALA A 275 -19.25 -28.90 30.90
CA ALA A 275 -18.85 -28.86 29.50
C ALA A 275 -17.53 -29.59 29.30
N LEU A 276 -16.58 -29.36 30.21
CA LEU A 276 -15.26 -30.03 30.14
C LEU A 276 -15.43 -31.55 30.14
N GLU A 277 -16.17 -32.06 31.09
CA GLU A 277 -16.35 -33.51 31.21
C GLU A 277 -17.16 -34.07 30.03
N ALA A 278 -18.20 -33.35 29.62
CA ALA A 278 -19.02 -33.82 28.50
C ALA A 278 -18.28 -33.87 27.17
N ALA A 279 -17.51 -32.83 26.85
CA ALA A 279 -16.76 -32.79 25.61
C ALA A 279 -15.75 -33.94 25.58
N LYS A 280 -15.05 -34.16 26.68
CA LYS A 280 -14.07 -35.25 26.73
C LYS A 280 -14.75 -36.60 26.53
N LYS A 281 -15.91 -36.77 27.12
CA LYS A 281 -16.63 -38.03 26.98
C LYS A 281 -17.06 -38.24 25.53
N ASP A 282 -17.54 -37.19 24.89
CA ASP A 282 -17.95 -37.29 23.50
C ASP A 282 -16.76 -37.53 22.58
N ASP A 283 -15.59 -36.99 22.94
CA ASP A 283 -14.38 -37.22 22.15
C ASP A 283 -14.14 -38.73 22.06
N ILE A 284 -14.48 -39.46 23.10
CA ILE A 284 -14.26 -40.89 23.13
C ILE A 284 -15.44 -41.60 22.46
N ASP A 285 -16.66 -41.22 22.87
CA ASP A 285 -17.86 -41.96 22.46
C ASP A 285 -18.15 -41.86 20.96
N VAL A 286 -17.75 -40.75 20.35
CA VAL A 286 -17.99 -40.60 18.93
C VAL A 286 -17.36 -41.73 18.12
N ALA A 287 -16.22 -42.25 18.57
CA ALA A 287 -15.52 -43.27 17.79
C ALA A 287 -16.39 -44.51 17.71
N ALA A 288 -16.97 -44.93 18.83
CA ALA A 288 -17.78 -46.14 18.84
C ALA A 288 -19.06 -45.97 18.01
N VAL A 289 -19.67 -44.79 18.08
CA VAL A 289 -20.85 -44.50 17.25
C VAL A 289 -20.53 -44.75 15.78
N TYR A 290 -19.39 -44.22 15.32
CA TYR A 290 -19.05 -44.33 13.90
C TYR A 290 -18.59 -45.72 13.52
N GLN A 291 -17.82 -46.37 14.38
CA GLN A 291 -17.44 -47.78 14.15
C GLN A 291 -18.67 -48.68 14.01
N LYS A 292 -19.63 -48.53 14.90
CA LYS A 292 -20.83 -49.38 14.85
C LYS A 292 -21.64 -49.13 13.58
N ALA A 293 -21.54 -47.91 13.06
CA ALA A 293 -22.23 -47.53 11.84
C ALA A 293 -21.50 -47.96 10.59
N GLY A 294 -20.30 -48.50 10.75
CA GLY A 294 -19.52 -49.04 9.66
C GLY A 294 -18.48 -48.13 9.04
N ALA A 295 -18.25 -46.99 9.69
CA ALA A 295 -17.32 -46.01 9.16
C ALA A 295 -15.90 -46.46 9.45
N LYS A 296 -14.95 -46.01 8.64
CA LYS A 296 -13.53 -46.11 8.94
C LYS A 296 -13.15 -45.00 9.89
N VAL A 297 -12.61 -45.38 11.05
CA VAL A 297 -12.36 -44.44 12.13
C VAL A 297 -10.90 -44.46 12.52
N VAL A 298 -10.28 -43.29 12.43
CA VAL A 298 -8.85 -43.12 12.72
C VAL A 298 -8.64 -41.95 13.66
N ASP A 299 -7.47 -41.98 14.31
CA ASP A 299 -7.05 -40.92 15.22
C ASP A 299 -5.88 -40.11 14.64
N LEU A 300 -5.42 -39.14 15.43
CA LEU A 300 -4.34 -38.27 15.01
C LEU A 300 -3.11 -38.44 15.88
N SER A 301 -1.97 -38.61 15.22
CA SER A 301 -0.69 -38.64 15.89
C SER A 301 -0.22 -37.22 16.23
N ASP A 302 0.75 -37.15 17.14
CA ASP A 302 1.25 -35.86 17.55
C ASP A 302 1.89 -35.18 16.36
N GLY A 303 2.56 -35.96 15.51
CA GLY A 303 3.27 -35.42 14.36
C GLY A 303 2.30 -34.78 13.38
N THR A 304 1.20 -35.48 13.11
CA THR A 304 0.14 -34.95 12.25
C THR A 304 -0.47 -33.66 12.80
N ILE A 305 -0.78 -33.66 14.09
CA ILE A 305 -1.35 -32.48 14.74
C ILE A 305 -0.42 -31.29 14.57
N LYS A 306 0.88 -31.50 14.83
CA LYS A 306 1.84 -30.40 14.69
C LYS A 306 1.90 -29.90 13.24
N LYS A 307 1.78 -30.78 12.25
CA LYS A 307 1.79 -30.31 10.85
C LYS A 307 0.66 -29.30 10.61
N TRP A 308 -0.53 -29.56 11.16
CA TRP A 308 -1.67 -28.65 10.94
C TRP A 308 -1.43 -27.34 11.68
N GLN A 309 -0.90 -27.43 12.90
CA GLN A 309 -0.60 -26.23 13.68
C GLN A 309 0.51 -25.38 13.08
N ASP A 310 1.49 -26.00 12.43
CA ASP A 310 2.58 -25.25 11.80
C ASP A 310 2.06 -24.49 10.59
N ILE A 311 1.19 -25.12 9.80
CA ILE A 311 0.52 -24.42 8.72
C ILE A 311 -0.30 -23.26 9.29
N ALA A 312 -1.00 -23.50 10.40
CA ALA A 312 -1.77 -22.39 11.00
C ALA A 312 -0.92 -21.15 11.25
N ARG A 313 0.28 -21.32 11.80
CA ARG A 313 1.15 -20.18 12.12
C ARG A 313 1.51 -19.36 10.87
N LYS A 314 1.64 -20.04 9.74
CA LYS A 314 2.03 -19.41 8.49
C LYS A 314 0.87 -18.78 7.73
N THR A 315 -0.35 -19.12 8.12
CA THR A 315 -1.52 -18.74 7.33
C THR A 315 -2.53 -18.03 8.21
N ALA A 316 -3.29 -18.80 8.97
CA ALA A 316 -4.31 -18.29 9.87
C ALA A 316 -3.79 -17.23 10.84
N TRP A 317 -2.67 -17.49 11.51
CA TRP A 317 -2.23 -16.51 12.50
C TRP A 317 -1.87 -15.21 11.82
N LYS A 318 -1.30 -15.29 10.61
CA LYS A 318 -0.95 -14.07 9.86
C LYS A 318 -2.20 -13.32 9.43
N ASP A 319 -3.16 -14.04 8.88
CA ASP A 319 -4.41 -13.40 8.47
C ASP A 319 -5.11 -12.71 9.65
N TYR A 320 -5.22 -13.42 10.75
CA TYR A 320 -5.89 -12.92 11.95
C TYR A 320 -5.19 -11.69 12.54
N GLY A 321 -3.87 -11.78 12.72
CA GLY A 321 -3.14 -10.73 13.38
C GLY A 321 -3.12 -9.44 12.59
N ALA A 322 -3.15 -9.57 11.27
CA ALA A 322 -3.06 -8.42 10.36
C ALA A 322 -4.39 -7.72 10.23
N LYS A 323 -5.48 -8.38 10.63
CA LYS A 323 -6.80 -7.86 10.36
C LYS A 323 -7.05 -6.51 11.03
N ASN A 324 -6.82 -6.46 12.33
CA ASN A 324 -6.84 -5.21 13.07
C ASN A 324 -6.01 -5.30 14.36
N GLU A 325 -5.80 -4.16 15.03
CA GLU A 325 -4.95 -4.12 16.21
C GLU A 325 -5.54 -4.98 17.34
N GLY A 326 -6.85 -5.05 17.42
CA GLY A 326 -7.50 -5.91 18.40
C GLY A 326 -7.17 -7.39 18.24
N CYS A 327 -7.12 -7.85 17.00
CA CYS A 327 -6.74 -9.23 16.69
C CYS A 327 -5.27 -9.48 17.03
N ALA A 328 -4.40 -8.56 16.58
CA ALA A 328 -3.00 -8.65 16.93
C ALA A 328 -2.84 -8.78 18.44
N LYS A 329 -3.57 -7.99 19.21
CA LYS A 329 -3.42 -8.04 20.66
C LYS A 329 -3.87 -9.38 21.22
N LEU A 330 -5.03 -9.86 20.76
CA LEU A 330 -5.54 -11.12 21.26
C LEU A 330 -4.62 -12.29 20.89
N LEU A 331 -4.08 -12.26 19.68
CA LEU A 331 -3.10 -13.27 19.27
C LEU A 331 -1.88 -13.29 20.21
N ALA A 332 -1.36 -12.11 20.52
CA ALA A 332 -0.17 -12.02 21.36
C ALA A 332 -0.48 -12.58 22.75
N LEU A 333 -1.64 -12.20 23.28
CA LEU A 333 -2.03 -12.66 24.62
C LEU A 333 -2.26 -14.17 24.63
N ALA A 334 -2.86 -14.71 23.57
CA ALA A 334 -3.09 -16.16 23.48
C ALA A 334 -1.76 -16.93 23.45
N GLN A 335 -0.78 -16.38 22.75
CA GLN A 335 0.53 -17.02 22.64
C GLN A 335 1.19 -17.15 24.00
N GLN A 336 0.91 -16.21 24.88
CA GLN A 336 1.46 -16.34 26.22
C GLN A 336 0.98 -17.61 26.91
N THR A 337 -0.23 -18.05 26.61
CA THR A 337 -0.75 -19.23 27.28
C THR A 337 -0.10 -20.50 26.75
N LEU A 338 0.43 -20.44 25.51
CA LEU A 338 1.22 -21.55 24.98
C LEU A 338 2.53 -21.67 25.74
N ALA A 339 3.18 -20.54 25.99
CA ALA A 339 4.43 -20.55 26.74
C ALA A 339 4.17 -20.99 28.18
N GLU A 340 3.11 -20.48 28.79
CA GLU A 340 2.79 -20.89 30.16
C GLU A 340 2.58 -22.39 30.23
N ASN A 341 1.95 -22.96 29.21
CA ASN A 341 1.67 -24.38 29.20
C ASN A 341 2.97 -25.22 29.18
N LEU A 342 3.99 -24.73 28.48
CA LEU A 342 5.29 -25.40 28.40
C LEU A 342 6.21 -25.14 29.61
N TYR A 343 6.18 -23.93 30.17
CA TYR A 343 7.26 -23.49 31.06
C TYR A 343 6.90 -23.23 32.52
N PHE A 344 5.62 -23.38 32.84
CA PHE A 344 5.13 -23.19 34.20
C PHE A 344 4.48 -24.47 34.67
N GLN A 345 4.44 -24.67 35.98
CA GLN A 345 3.62 -25.73 36.52
C GLN A 345 2.96 -25.27 37.83
N SER B 28 36.29 -34.25 -25.60
CA SER B 28 36.00 -33.43 -24.42
C SER B 28 34.58 -32.88 -24.44
N ALA B 29 33.94 -32.91 -23.29
CA ALA B 29 32.60 -32.37 -23.17
C ALA B 29 32.60 -30.88 -23.47
N LEU B 30 31.56 -30.43 -24.17
CA LEU B 30 31.33 -29.01 -24.35
C LEU B 30 30.76 -28.42 -23.07
N LYS B 31 31.29 -27.26 -22.66
CA LYS B 31 30.86 -26.65 -21.40
C LYS B 31 29.73 -25.66 -21.61
N ILE B 32 28.73 -25.72 -20.73
CA ILE B 32 27.66 -24.72 -20.73
C ILE B 32 27.66 -24.06 -19.36
N SER B 33 27.99 -22.77 -19.32
CA SER B 33 28.04 -22.02 -18.09
C SER B 33 26.82 -21.10 -17.93
N HIS B 34 26.41 -20.88 -16.69
CA HIS B 34 25.43 -19.83 -16.40
C HIS B 34 25.47 -19.48 -14.92
N GLN B 35 24.80 -18.40 -14.56
CA GLN B 35 24.89 -17.81 -13.22
C GLN B 35 23.80 -18.25 -12.27
N PHE B 36 22.94 -19.13 -12.74
CA PHE B 36 21.66 -19.35 -12.08
C PHE B 36 21.73 -20.63 -11.24
N PRO B 37 20.82 -20.78 -10.28
CA PRO B 37 20.91 -22.00 -9.46
C PRO B 37 20.81 -23.31 -10.26
N GLY B 38 21.57 -24.29 -9.80
CA GLY B 38 21.55 -25.61 -10.39
C GLY B 38 20.49 -26.54 -9.83
N GLY B 39 20.01 -27.41 -10.69
CA GLY B 39 18.99 -28.38 -10.32
C GLY B 39 19.05 -29.54 -11.27
N THR B 40 17.87 -30.04 -11.63
CA THR B 40 17.79 -31.17 -12.56
C THR B 40 17.00 -30.75 -13.80
N ILE B 41 16.93 -31.65 -14.78
CA ILE B 41 16.11 -31.41 -15.96
C ILE B 41 14.68 -31.09 -15.59
N LYS B 42 14.18 -31.77 -14.56
CA LYS B 42 12.75 -31.67 -14.23
C LYS B 42 12.39 -30.59 -13.23
N GLU B 43 13.34 -30.21 -12.37
CA GLU B 43 13.06 -29.25 -11.30
C GLU B 43 14.17 -28.23 -11.15
N GLY B 44 13.77 -26.97 -11.15
CA GLY B 44 14.69 -25.89 -10.88
C GLY B 44 14.42 -24.66 -11.74
N ASP B 45 15.39 -23.78 -11.71
CA ASP B 45 15.38 -22.58 -12.53
C ASP B 45 15.28 -23.00 -13.99
N PHE B 46 14.30 -22.44 -14.72
CA PHE B 46 14.04 -22.93 -16.06
C PHE B 46 15.24 -22.82 -16.98
N ARG B 47 16.13 -21.87 -16.72
CA ARG B 47 17.28 -21.67 -17.59
C ARG B 47 18.27 -22.82 -17.40
N ASP B 48 18.41 -23.30 -16.17
CA ASP B 48 19.20 -24.50 -15.92
C ASP B 48 18.49 -25.73 -16.53
N ARG B 49 17.17 -25.81 -16.37
N ARG B 49 17.17 -25.81 -16.37
CA ARG B 49 16.43 -26.90 -16.98
CA ARG B 49 16.43 -26.92 -16.98
C ARG B 49 16.60 -26.90 -18.49
C ARG B 49 16.59 -26.90 -18.49
N LEU B 50 16.57 -25.71 -19.08
CA LEU B 50 16.66 -25.55 -20.52
C LEU B 50 17.99 -26.04 -21.05
N VAL B 51 19.08 -25.63 -20.42
CA VAL B 51 20.39 -26.08 -20.91
C VAL B 51 20.58 -27.59 -20.72
N ARG B 52 19.96 -28.16 -19.68
CA ARG B 52 20.03 -29.59 -19.47
C ARG B 52 19.20 -30.35 -20.52
N ASN B 53 18.04 -29.80 -20.87
CA ASN B 53 17.22 -30.36 -21.93
C ASN B 53 17.96 -30.26 -23.27
N PHE B 54 18.56 -29.11 -23.50
CA PHE B 54 19.32 -28.88 -24.72
C PHE B 54 20.41 -29.92 -24.85
N ALA B 55 21.22 -30.06 -23.80
CA ALA B 55 22.31 -31.00 -23.79
C ALA B 55 21.83 -32.41 -24.00
N ALA B 56 20.79 -32.79 -23.27
CA ALA B 56 20.31 -34.17 -23.36
C ALA B 56 19.86 -34.46 -24.79
N GLU B 57 19.13 -33.54 -25.41
CA GLU B 57 18.63 -33.77 -26.76
C GLU B 57 19.76 -33.84 -27.78
N VAL B 58 20.74 -32.94 -27.68
CA VAL B 58 21.82 -32.93 -28.67
C VAL B 58 22.67 -34.19 -28.49
N GLU B 59 22.94 -34.56 -27.24
CA GLU B 59 23.68 -35.78 -26.94
C GLU B 59 23.02 -36.97 -27.59
N LYS B 60 21.71 -37.09 -27.40
CA LYS B 60 20.94 -38.19 -27.96
C LYS B 60 20.94 -38.14 -29.50
N ARG B 61 20.70 -36.96 -30.06
CA ARG B 61 20.60 -36.81 -31.51
C ARG B 61 21.94 -36.98 -32.24
N SER B 62 23.04 -36.79 -31.52
CA SER B 62 24.38 -36.93 -32.10
C SER B 62 24.97 -38.30 -31.78
N LYS B 63 24.19 -39.16 -31.13
CA LYS B 63 24.65 -40.50 -30.73
C LYS B 63 25.92 -40.49 -29.88
N GLY B 64 26.05 -39.51 -29.01
CA GLY B 64 27.19 -39.44 -28.10
C GLY B 64 28.36 -38.68 -28.66
N ALA B 65 28.28 -38.29 -29.94
CA ALA B 65 29.37 -37.58 -30.58
C ALA B 65 29.63 -36.22 -29.93
N MET B 66 28.57 -35.57 -29.46
CA MET B 66 28.70 -34.36 -28.65
C MET B 66 28.17 -34.67 -27.26
N LYS B 67 28.92 -34.26 -26.24
CA LYS B 67 28.53 -34.42 -24.86
C LYS B 67 28.74 -33.08 -24.19
N PHE B 68 28.05 -32.85 -23.07
CA PHE B 68 28.06 -31.57 -22.38
C PHE B 68 28.28 -31.74 -20.88
N GLU B 69 28.85 -30.70 -20.28
CA GLU B 69 28.87 -30.56 -18.85
C GLU B 69 28.31 -29.19 -18.51
N ILE B 70 27.46 -29.13 -17.51
CA ILE B 70 26.81 -27.90 -17.12
C ILE B 70 27.48 -27.32 -15.86
N TYR B 71 27.75 -26.00 -15.88
CA TYR B 71 28.32 -25.28 -14.76
C TYR B 71 27.39 -24.19 -14.28
N PRO B 72 26.45 -24.56 -13.42
CA PRO B 72 25.48 -23.59 -12.93
C PRO B 72 26.09 -22.70 -11.87
N GLY B 73 25.37 -21.66 -11.47
CA GLY B 73 25.71 -20.86 -10.31
C GLY B 73 27.09 -20.23 -10.38
N SER B 74 27.52 -19.84 -11.58
CA SER B 74 28.83 -19.20 -11.79
C SER B 74 29.97 -20.01 -11.18
N SER B 75 29.83 -21.33 -11.25
CA SER B 75 30.81 -22.26 -10.68
C SER B 75 32.05 -22.43 -11.53
N LEU B 76 31.96 -22.11 -12.82
CA LEU B 76 33.13 -22.22 -13.70
C LEU B 76 33.93 -20.94 -13.72
N MET B 77 33.21 -19.82 -13.70
CA MET B 77 33.83 -18.49 -13.74
C MET B 77 32.80 -17.43 -13.35
N LYS B 78 33.27 -16.21 -13.12
CA LYS B 78 32.40 -15.11 -12.70
C LYS B 78 31.40 -14.81 -13.79
N THR B 79 30.22 -14.40 -13.33
CA THR B 79 29.14 -14.10 -14.24
C THR B 79 29.59 -13.18 -15.36
N ASN B 80 30.30 -12.12 -15.01
CA ASN B 80 30.63 -11.09 -15.99
C ASN B 80 31.83 -11.45 -16.86
N ALA B 81 32.42 -12.62 -16.63
CA ALA B 81 33.53 -13.13 -17.42
C ALA B 81 33.12 -14.06 -18.56
N GLN B 82 31.87 -14.54 -18.52
CA GLN B 82 31.43 -15.59 -19.43
C GLN B 82 31.40 -15.16 -20.88
N PHE B 83 30.89 -13.97 -21.14
CA PHE B 83 30.72 -13.50 -22.51
C PHE B 83 32.06 -13.36 -23.23
N SER B 84 33.01 -12.69 -22.59
CA SER B 84 34.37 -12.55 -23.14
C SER B 84 35.01 -13.92 -23.36
N SER B 85 34.83 -14.82 -22.41
CA SER B 85 35.47 -16.12 -22.50
C SER B 85 34.90 -16.87 -23.72
N MET B 86 33.58 -16.78 -23.93
CA MET B 86 32.97 -17.37 -25.14
C MET B 86 33.53 -16.75 -26.41
N ARG B 87 33.61 -15.43 -26.45
CA ARG B 87 34.13 -14.77 -27.63
C ARG B 87 35.52 -15.30 -28.01
N LYS B 88 36.32 -15.58 -26.99
CA LYS B 88 37.67 -16.07 -27.21
C LYS B 88 37.77 -17.58 -27.43
N GLY B 89 36.66 -18.28 -27.38
CA GLY B 89 36.65 -19.72 -27.56
C GLY B 89 37.08 -20.49 -26.32
N ALA B 90 37.26 -19.78 -25.19
CA ALA B 90 37.66 -20.41 -23.95
C ALA B 90 36.50 -21.08 -23.22
N LEU B 91 35.30 -20.67 -23.59
CA LEU B 91 34.08 -21.23 -23.03
C LEU B 91 33.17 -21.57 -24.19
N ASP B 92 32.70 -22.81 -24.24
CA ASP B 92 31.93 -23.24 -25.39
C ASP B 92 30.58 -22.55 -25.50
N MET B 93 29.80 -22.60 -24.42
CA MET B 93 28.44 -22.08 -24.41
C MET B 93 28.12 -21.42 -23.08
N ALA B 94 27.15 -20.51 -23.11
CA ALA B 94 26.70 -19.86 -21.91
C ALA B 94 25.33 -19.28 -22.15
N LEU B 95 24.57 -19.26 -21.07
CA LEU B 95 23.27 -18.59 -21.08
C LEU B 95 23.42 -17.38 -20.20
N ILE B 96 23.36 -16.19 -20.83
CA ILE B 96 23.69 -14.95 -20.14
C ILE B 96 22.75 -13.83 -20.56
N PRO B 97 22.33 -13.00 -19.58
CA PRO B 97 21.69 -11.74 -19.96
C PRO B 97 22.59 -10.96 -20.93
N LEU B 98 22.11 -10.69 -22.14
CA LEU B 98 22.94 -10.19 -23.22
C LEU B 98 23.51 -8.83 -22.87
N SER B 99 22.67 -7.98 -22.28
CA SER B 99 23.04 -6.59 -22.02
C SER B 99 24.10 -6.44 -20.95
N TYR B 100 24.45 -7.53 -20.25
CA TYR B 100 25.62 -7.44 -19.37
C TYR B 100 26.87 -7.04 -20.12
N ALA B 101 26.90 -7.30 -21.43
CA ALA B 101 28.03 -6.94 -22.28
C ALA B 101 27.93 -5.59 -22.95
N GLY B 102 26.95 -4.78 -22.53
CA GLY B 102 26.73 -3.48 -23.10
C GLY B 102 27.90 -2.53 -22.96
N GLY B 103 28.77 -2.75 -21.98
CA GLY B 103 29.95 -1.89 -21.89
C GLY B 103 30.90 -2.04 -23.08
N GLU B 104 31.21 -3.27 -23.44
CA GLU B 104 32.17 -3.55 -24.50
C GLU B 104 31.53 -3.48 -25.87
N VAL B 105 30.23 -3.76 -25.94
CA VAL B 105 29.51 -3.69 -27.22
C VAL B 105 28.20 -2.99 -26.97
N PRO B 106 28.17 -1.66 -27.14
CA PRO B 106 27.00 -0.88 -26.73
C PRO B 106 25.68 -1.31 -27.37
N GLU B 107 25.75 -1.83 -28.59
CA GLU B 107 24.57 -2.34 -29.28
C GLU B 107 23.78 -3.30 -28.40
N LEU B 108 24.50 -4.02 -27.53
CA LEU B 108 23.89 -5.09 -26.76
C LEU B 108 23.01 -4.59 -25.60
N ASN B 109 23.06 -3.29 -25.32
CA ASN B 109 22.21 -2.68 -24.29
C ASN B 109 20.71 -2.78 -24.62
N ILE B 110 20.41 -3.07 -25.87
CA ILE B 110 19.01 -3.22 -26.31
C ILE B 110 18.34 -4.44 -25.63
N GLY B 111 19.12 -5.36 -25.08
CA GLY B 111 18.57 -6.52 -24.39
C GLY B 111 17.73 -6.24 -23.16
N LEU B 112 17.89 -5.07 -22.55
CA LEU B 112 16.99 -4.63 -21.48
C LEU B 112 16.76 -3.14 -21.64
N MET B 113 15.66 -2.81 -22.29
CA MET B 113 15.31 -1.42 -22.51
C MET B 113 13.83 -1.27 -22.69
N PRO B 114 13.16 -0.86 -21.62
CA PRO B 114 11.71 -0.74 -21.66
C PRO B 114 11.20 0.12 -22.83
N GLY B 115 9.99 -0.19 -23.24
CA GLY B 115 9.37 0.48 -24.37
C GLY B 115 9.53 -0.28 -25.68
N LEU B 116 10.65 -0.98 -25.86
CA LEU B 116 10.92 -1.67 -27.11
C LEU B 116 10.34 -3.06 -27.15
N VAL B 117 10.06 -3.60 -25.97
CA VAL B 117 9.36 -4.86 -25.85
C VAL B 117 8.13 -4.65 -25.01
N VAL B 118 6.99 -5.08 -25.52
CA VAL B 118 5.73 -4.90 -24.82
C VAL B 118 5.03 -6.22 -24.47
N SER B 119 5.37 -7.30 -25.18
CA SER B 119 4.80 -8.62 -24.92
C SER B 119 5.77 -9.69 -25.37
N TYR B 120 5.55 -10.92 -24.94
CA TYR B 120 6.41 -12.02 -25.37
C TYR B 120 6.27 -12.28 -26.87
N GLU B 121 5.04 -12.19 -27.36
CA GLU B 121 4.81 -12.48 -28.76
C GLU B 121 5.61 -11.49 -29.59
N GLN B 122 5.57 -10.22 -29.18
CA GLN B 122 6.23 -9.21 -29.98
C GLN B 122 7.74 -9.32 -29.85
N ALA B 123 8.21 -9.72 -28.66
CA ALA B 123 9.64 -9.89 -28.42
C ALA B 123 10.23 -11.03 -29.23
N TYR B 124 9.57 -12.19 -29.18
CA TYR B 124 10.05 -13.32 -29.95
C TYR B 124 9.96 -13.08 -31.45
N SER B 125 9.04 -12.21 -31.87
CA SER B 125 8.89 -11.85 -33.28
C SER B 125 10.13 -11.17 -33.84
N TRP B 126 11.00 -10.70 -32.95
CA TRP B 126 12.21 -10.04 -33.44
C TRP B 126 13.10 -10.96 -34.27
N LYS B 127 13.09 -12.23 -33.92
CA LYS B 127 14.17 -13.13 -34.31
C LYS B 127 14.53 -13.12 -35.80
N THR B 128 13.53 -13.25 -36.67
CA THR B 128 13.82 -13.32 -38.11
C THR B 128 13.35 -12.02 -38.81
N LYS B 129 12.96 -11.02 -38.03
CA LYS B 129 12.71 -9.69 -38.57
C LYS B 129 14.01 -8.91 -38.63
N PRO B 130 14.01 -7.77 -39.33
CA PRO B 130 15.25 -7.02 -39.50
C PRO B 130 16.01 -6.81 -38.19
N VAL B 131 15.33 -6.49 -37.08
CA VAL B 131 16.04 -6.26 -35.82
C VAL B 131 16.82 -7.50 -35.38
N GLY B 132 16.19 -8.65 -35.46
CA GLY B 132 16.88 -9.85 -35.03
C GLY B 132 17.97 -10.28 -35.97
N ILE B 133 17.75 -10.10 -37.26
CA ILE B 133 18.79 -10.36 -38.24
C ILE B 133 20.01 -9.49 -37.93
N GLU B 134 19.77 -8.24 -37.61
CA GLU B 134 20.87 -7.34 -37.32
C GLU B 134 21.56 -7.66 -36.02
N LEU B 135 20.80 -7.96 -34.98
CA LEU B 135 21.42 -8.34 -33.72
C LEU B 135 22.30 -9.57 -33.89
N THR B 136 21.82 -10.53 -34.69
CA THR B 136 22.53 -11.79 -34.92
C THR B 136 23.83 -11.47 -35.65
N ARG B 137 23.72 -10.56 -36.62
CA ARG B 137 24.89 -10.15 -37.43
C ARG B 137 25.97 -9.50 -36.55
N VAL B 138 25.55 -8.59 -35.66
CA VAL B 138 26.46 -7.94 -34.74
C VAL B 138 27.14 -8.97 -33.85
N LEU B 139 26.37 -9.91 -33.30
CA LEU B 139 26.95 -10.92 -32.42
C LEU B 139 27.95 -11.83 -33.17
N GLN B 140 27.64 -12.16 -34.43
CA GLN B 140 28.58 -12.90 -35.27
C GLN B 140 29.94 -12.17 -35.38
N GLU B 141 29.92 -10.87 -35.64
CA GLU B 141 31.13 -10.06 -35.73
C GLU B 141 31.96 -10.12 -34.45
N LYS B 142 31.27 -10.26 -33.32
CA LYS B 142 31.91 -10.29 -32.01
C LYS B 142 32.25 -11.72 -31.54
N GLY B 143 32.05 -12.70 -32.42
CA GLY B 143 32.40 -14.09 -32.13
C GLY B 143 31.37 -14.92 -31.41
N ILE B 144 30.09 -14.57 -31.55
CA ILE B 144 29.02 -15.21 -30.82
C ILE B 144 27.90 -15.69 -31.75
N VAL B 145 27.45 -16.93 -31.50
CA VAL B 145 26.34 -17.56 -32.17
C VAL B 145 25.15 -17.59 -31.21
N LEU B 146 24.01 -17.08 -31.68
CA LEU B 146 22.76 -17.14 -30.91
C LEU B 146 22.12 -18.49 -31.13
N ILE B 147 22.08 -19.28 -30.07
CA ILE B 147 21.52 -20.63 -30.11
C ILE B 147 20.04 -20.65 -29.74
N SER B 148 19.69 -19.98 -28.66
CA SER B 148 18.28 -19.85 -28.28
C SER B 148 17.94 -18.45 -27.85
N TRP B 149 16.97 -17.86 -28.54
CA TRP B 149 16.39 -16.60 -28.08
C TRP B 149 15.59 -16.87 -26.82
N ILE B 150 15.81 -16.07 -25.78
CA ILE B 150 15.07 -16.19 -24.51
C ILE B 150 14.76 -14.79 -24.00
N TRP B 151 13.45 -14.53 -23.82
CA TRP B 151 12.98 -13.30 -23.24
C TRP B 151 12.25 -13.57 -21.95
N GLN B 152 12.46 -12.70 -20.98
CA GLN B 152 11.84 -12.85 -19.65
C GLN B 152 11.27 -11.56 -19.08
N ALA B 153 9.98 -11.58 -18.74
CA ALA B 153 9.34 -10.48 -18.02
C ALA B 153 9.85 -10.42 -16.59
N GLY B 154 9.83 -9.22 -16.03
CA GLY B 154 10.33 -9.01 -14.69
C GLY B 154 9.36 -8.28 -13.78
N GLY B 155 9.93 -7.66 -12.75
CA GLY B 155 9.19 -6.99 -11.72
C GLY B 155 10.18 -6.35 -10.76
N VAL B 156 9.73 -6.05 -9.55
CA VAL B 156 10.58 -5.37 -8.58
C VAL B 156 10.35 -5.94 -7.19
N ALA B 157 11.43 -6.31 -6.52
CA ALA B 157 11.36 -6.70 -5.10
C ALA B 157 11.88 -5.55 -4.26
N SER B 158 11.14 -5.20 -3.22
CA SER B 158 11.52 -4.06 -2.40
C SER B 158 11.63 -4.48 -0.95
N ARG B 159 12.59 -3.89 -0.25
CA ARG B 159 12.78 -4.16 1.17
C ARG B 159 11.69 -3.48 2.00
N GLY B 160 10.97 -2.54 1.39
CA GLY B 160 9.92 -1.79 2.06
C GLY B 160 8.59 -1.89 1.35
N LYS B 161 8.06 -0.74 0.91
CA LYS B 161 6.78 -0.72 0.22
C LYS B 161 7.00 -1.17 -1.23
N PRO B 162 5.93 -1.65 -1.88
CA PRO B 162 6.12 -2.00 -3.30
C PRO B 162 6.56 -0.80 -4.13
N VAL B 163 7.44 -1.05 -5.10
CA VAL B 163 7.81 -0.05 -6.10
C VAL B 163 6.98 -0.30 -7.35
N VAL B 164 5.96 0.53 -7.54
CA VAL B 164 5.00 0.35 -8.63
C VAL B 164 5.13 1.44 -9.69
N GLU B 165 4.86 2.68 -9.31
CA GLU B 165 4.95 3.79 -10.26
C GLU B 165 6.40 4.27 -10.36
N PRO B 166 6.77 4.85 -11.50
CA PRO B 166 8.14 5.39 -11.53
C PRO B 166 8.36 6.37 -10.37
N GLU B 167 7.34 7.12 -9.96
CA GLU B 167 7.50 8.08 -8.86
C GLU B 167 7.97 7.42 -7.57
N ASP B 168 7.65 6.13 -7.42
CA ASP B 168 8.00 5.37 -6.21
C ASP B 168 9.53 5.21 -6.11
N ALA B 169 10.21 5.38 -7.23
CA ALA B 169 11.64 5.15 -7.25
C ALA B 169 12.41 6.33 -6.67
N LYS B 170 11.76 7.49 -6.53
CA LYS B 170 12.46 8.67 -6.05
C LYS B 170 13.02 8.45 -4.65
N GLY B 171 14.32 8.71 -4.50
CA GLY B 171 14.95 8.62 -3.20
C GLY B 171 15.41 7.22 -2.84
N MET B 172 15.07 6.25 -3.70
CA MET B 172 15.47 4.88 -3.46
C MET B 172 16.78 4.54 -4.17
N LYS B 173 17.49 3.57 -3.64
CA LYS B 173 18.64 2.99 -4.33
C LYS B 173 18.17 1.66 -4.91
N ILE B 174 18.16 1.59 -6.24
CA ILE B 174 17.56 0.44 -6.92
C ILE B 174 18.49 -0.15 -7.98
N ARG B 175 18.47 -1.47 -8.09
CA ARG B 175 19.17 -2.19 -9.14
C ARG B 175 18.21 -2.42 -10.29
N GLY B 176 18.45 -1.78 -11.43
CA GLY B 176 17.57 -1.92 -12.58
C GLY B 176 17.95 -3.11 -13.45
N GLY B 177 19.23 -3.43 -13.52
CA GLY B 177 19.71 -4.58 -14.27
C GLY B 177 20.43 -4.29 -15.57
N SER B 178 20.37 -3.04 -16.04
CA SER B 178 21.09 -2.66 -17.26
C SER B 178 21.29 -1.15 -17.31
N ARG B 179 22.18 -0.72 -18.19
CA ARG B 179 22.43 0.71 -18.36
C ARG B 179 21.13 1.46 -18.60
N GLU B 180 20.32 0.94 -19.52
CA GLU B 180 19.16 1.69 -19.93
C GLU B 180 18.01 1.62 -18.92
N MET B 181 17.86 0.50 -18.23
CA MET B 181 16.88 0.46 -17.15
C MET B 181 17.30 1.48 -16.11
N ASP B 182 18.60 1.55 -15.84
CA ASP B 182 19.11 2.49 -14.84
C ASP B 182 18.99 3.96 -15.28
N MET B 183 19.08 4.23 -16.58
CA MET B 183 18.84 5.60 -17.08
C MET B 183 17.41 6.08 -16.73
N ILE B 184 16.43 5.17 -16.87
CA ILE B 184 15.04 5.46 -16.52
C ILE B 184 14.90 5.71 -15.01
N LEU B 185 15.52 4.86 -14.21
CA LEU B 185 15.47 4.97 -12.77
C LEU B 185 16.10 6.28 -12.30
N LYS B 186 17.25 6.62 -12.85
CA LYS B 186 17.88 7.89 -12.48
C LYS B 186 16.98 9.05 -12.85
N ASP B 187 16.32 8.98 -13.99
CA ASP B 187 15.40 10.06 -14.37
C ASP B 187 14.27 10.20 -13.37
N ALA B 188 13.84 9.09 -12.77
CA ALA B 188 12.75 9.13 -11.81
C ALA B 188 13.25 9.49 -10.42
N GLY B 189 14.55 9.67 -10.26
CA GLY B 189 15.09 10.17 -9.00
C GLY B 189 15.72 9.14 -8.08
N ALA B 190 15.92 7.94 -8.60
CA ALA B 190 16.55 6.89 -7.83
C ALA B 190 18.07 6.99 -7.96
N ALA B 191 18.79 6.47 -6.97
CA ALA B 191 20.19 6.13 -7.14
C ALA B 191 20.23 4.71 -7.66
N VAL B 192 21.20 4.42 -8.53
CA VAL B 192 21.25 3.07 -9.09
C VAL B 192 22.50 2.32 -8.65
N VAL B 193 22.37 1.00 -8.62
CA VAL B 193 23.47 0.10 -8.35
C VAL B 193 23.47 -0.99 -9.41
N SER B 194 24.65 -1.30 -9.93
CA SER B 194 24.84 -2.26 -11.01
C SER B 194 25.53 -3.50 -10.48
N LEU B 195 24.93 -4.65 -10.74
CA LEU B 195 25.52 -5.91 -10.35
C LEU B 195 24.77 -7.04 -11.02
N PRO B 196 25.44 -8.17 -11.24
CA PRO B 196 24.73 -9.28 -11.89
C PRO B 196 23.71 -9.82 -10.92
N SER B 197 22.65 -10.45 -11.42
CA SER B 197 21.52 -10.77 -10.56
C SER B 197 21.83 -11.79 -9.45
N ASN B 198 22.89 -12.59 -9.61
CA ASN B 198 23.29 -13.56 -8.58
C ASN B 198 23.84 -12.87 -7.34
N GLU B 199 24.08 -11.56 -7.46
CA GLU B 199 24.58 -10.77 -6.34
C GLU B 199 23.49 -9.96 -5.66
N ILE B 200 22.26 -10.02 -6.18
CA ILE B 200 21.19 -9.23 -5.60
C ILE B 200 20.90 -9.59 -4.15
N TYR B 201 20.85 -10.88 -3.85
CA TYR B 201 20.39 -11.34 -2.54
C TYR B 201 21.22 -10.73 -1.41
N ALA B 202 22.55 -10.82 -1.54
CA ALA B 202 23.44 -10.28 -0.51
C ALA B 202 23.29 -8.76 -0.35
N ALA B 203 23.11 -8.06 -1.46
CA ALA B 203 22.95 -6.61 -1.44
C ALA B 203 21.67 -6.20 -0.73
N MET B 204 20.59 -6.93 -0.96
CA MET B 204 19.32 -6.62 -0.29
C MET B 204 19.42 -6.97 1.18
N GLN B 205 20.01 -8.13 1.44
CA GLN B 205 20.13 -8.66 2.80
C GLN B 205 20.82 -7.66 3.71
N THR B 206 21.83 -6.99 3.18
CA THR B 206 22.64 -6.08 3.98
C THR B 206 22.17 -4.63 3.89
N GLY B 207 21.09 -4.40 3.14
CA GLY B 207 20.55 -3.06 2.98
C GLY B 207 21.35 -2.15 2.06
N ALA B 208 22.24 -2.71 1.26
CA ALA B 208 23.05 -1.93 0.32
C ALA B 208 22.21 -1.39 -0.83
N MET B 209 20.98 -1.89 -0.93
CA MET B 209 20.05 -1.38 -1.92
C MET B 209 18.65 -1.54 -1.35
N ASP B 210 17.71 -0.72 -1.82
CA ASP B 210 16.35 -0.74 -1.32
C ASP B 210 15.47 -1.68 -2.13
N ALA B 211 15.78 -1.83 -3.42
CA ALA B 211 14.91 -2.60 -4.29
C ALA B 211 15.71 -3.11 -5.49
N ALA B 212 15.24 -4.20 -6.09
CA ALA B 212 15.92 -4.78 -7.23
C ALA B 212 14.91 -5.27 -8.26
N MET B 213 15.21 -5.00 -9.53
CA MET B 213 14.47 -5.53 -10.66
C MET B 213 15.22 -6.75 -11.19
N THR B 214 14.48 -7.82 -11.44
CA THR B 214 14.98 -8.98 -12.15
C THR B 214 13.78 -9.74 -12.73
N SER B 215 14.02 -10.92 -13.28
CA SER B 215 12.97 -11.72 -13.91
C SER B 215 12.13 -12.49 -12.88
N SER B 216 10.93 -12.90 -13.26
CA SER B 216 10.07 -13.71 -12.39
C SER B 216 10.81 -14.96 -11.91
N THR B 217 11.56 -15.58 -12.81
CA THR B 217 12.26 -16.81 -12.52
C THR B 217 13.30 -16.57 -11.46
N SER B 218 14.06 -15.49 -11.63
CA SER B 218 15.08 -15.13 -10.62
C SER B 218 14.49 -14.76 -9.29
N PHE B 219 13.37 -14.04 -9.27
CA PHE B 219 12.72 -13.80 -7.98
C PHE B 219 12.45 -15.09 -7.21
N ILE B 220 12.12 -16.15 -7.95
CA ILE B 220 11.90 -17.45 -7.34
C ILE B 220 13.23 -18.12 -7.00
N SER B 221 14.09 -18.30 -8.00
CA SER B 221 15.25 -19.18 -7.76
C SER B 221 16.33 -18.56 -6.86
N PHE B 222 16.45 -17.23 -6.83
CA PHE B 222 17.37 -16.58 -5.91
C PHE B 222 16.70 -16.34 -4.54
N ARG B 223 15.46 -16.79 -4.40
CA ARG B 223 14.77 -16.78 -3.12
C ARG B 223 14.75 -15.39 -2.49
N LEU B 224 14.49 -14.37 -3.30
CA LEU B 224 14.55 -13.01 -2.80
C LEU B 224 13.36 -12.64 -1.89
N GLU B 225 12.39 -13.54 -1.76
CA GLU B 225 11.32 -13.32 -0.80
C GLU B 225 11.89 -13.39 0.63
N GLU B 226 13.08 -13.95 0.76
CA GLU B 226 13.75 -14.00 2.05
C GLU B 226 14.33 -12.63 2.46
N VAL B 227 14.47 -11.71 1.50
CA VAL B 227 15.09 -10.41 1.76
C VAL B 227 14.28 -9.23 1.22
N ALA B 228 13.00 -9.47 0.91
CA ALA B 228 12.12 -8.42 0.43
C ALA B 228 10.75 -8.51 1.11
N LYS B 229 10.14 -7.36 1.37
CA LYS B 229 8.82 -7.33 1.98
C LYS B 229 7.73 -7.05 0.95
N ALA B 230 8.14 -6.73 -0.27
CA ALA B 230 7.21 -6.37 -1.30
C ALA B 230 7.66 -6.90 -2.67
N LEU B 231 6.70 -7.35 -3.47
CA LEU B 231 6.96 -7.70 -4.87
C LEU B 231 5.96 -7.03 -5.80
N THR B 232 6.47 -6.37 -6.84
CA THR B 232 5.66 -5.94 -7.94
C THR B 232 5.90 -6.94 -9.07
N THR B 233 4.80 -7.55 -9.55
CA THR B 233 4.88 -8.67 -10.49
C THR B 233 4.65 -8.23 -11.93
N GLY B 234 4.87 -9.16 -12.85
CA GLY B 234 4.54 -8.98 -14.26
C GLY B 234 3.32 -9.81 -14.65
N ARG B 235 2.51 -10.17 -13.66
CA ARG B 235 1.34 -11.02 -13.91
C ARG B 235 0.35 -10.39 -14.87
N THR B 236 0.15 -9.09 -14.76
CA THR B 236 -0.81 -8.39 -15.62
C THR B 236 -0.10 -7.44 -16.59
N GLY B 237 1.12 -7.81 -16.97
CA GLY B 237 1.91 -7.01 -17.87
C GLY B 237 3.19 -6.54 -17.21
N ALA B 238 4.17 -6.20 -18.02
CA ALA B 238 5.47 -5.75 -17.52
C ALA B 238 6.06 -4.70 -18.43
N TYR B 239 6.86 -3.79 -17.87
CA TYR B 239 7.73 -2.94 -18.67
C TYR B 239 9.14 -3.53 -18.82
N TRP B 240 9.52 -4.39 -17.88
CA TRP B 240 10.86 -5.01 -17.82
C TRP B 240 10.86 -6.37 -18.51
N PHE B 241 11.60 -6.46 -19.61
CA PHE B 241 11.76 -7.70 -20.36
C PHE B 241 13.24 -7.80 -20.74
N MET B 242 13.92 -8.85 -20.26
CA MET B 242 15.35 -9.00 -20.51
C MET B 242 15.63 -10.16 -21.45
N PHE B 243 16.54 -9.92 -22.39
CA PHE B 243 17.02 -10.93 -23.31
C PHE B 243 18.15 -11.71 -22.65
N GLU B 244 17.95 -13.02 -22.54
CA GLU B 244 18.88 -13.90 -21.80
C GLU B 244 19.18 -15.16 -22.60
N PRO B 245 19.77 -14.99 -23.80
CA PRO B 245 19.86 -16.09 -24.75
C PRO B 245 20.88 -17.12 -24.33
N LEU B 246 20.67 -18.32 -24.84
CA LEU B 246 21.73 -19.33 -24.86
C LEU B 246 22.60 -19.03 -26.07
N MET B 247 23.91 -18.97 -25.84
CA MET B 247 24.89 -18.61 -26.86
C MET B 247 26.03 -19.60 -26.93
N MET B 248 26.76 -19.53 -28.03
CA MET B 248 27.91 -20.38 -28.25
C MET B 248 29.02 -19.57 -28.89
N SER B 249 30.24 -19.96 -28.57
CA SER B 249 31.39 -19.38 -29.24
C SER B 249 31.40 -19.73 -30.72
N LYS B 250 31.47 -18.70 -31.56
CA LYS B 250 31.59 -18.85 -32.99
C LYS B 250 32.84 -19.66 -33.37
N ALA B 251 33.95 -19.37 -32.70
CA ALA B 251 35.17 -20.13 -32.95
C ALA B 251 34.96 -21.62 -32.78
N ILE B 252 34.28 -22.03 -31.72
CA ILE B 252 34.02 -23.45 -31.47
C ILE B 252 32.99 -24.01 -32.45
N PHE B 253 31.89 -23.30 -32.60
CA PHE B 253 30.78 -23.74 -33.43
C PHE B 253 31.22 -24.00 -34.88
N ASP B 254 31.95 -23.04 -35.44
CA ASP B 254 32.27 -23.06 -36.85
C ASP B 254 33.14 -24.28 -37.21
N LYS B 255 33.88 -24.80 -36.24
CA LYS B 255 34.77 -25.92 -36.50
C LYS B 255 34.05 -27.26 -36.41
N LEU B 256 32.82 -27.26 -35.90
CA LEU B 256 32.08 -28.51 -35.86
C LEU B 256 31.57 -28.86 -37.25
N PRO B 257 31.37 -30.17 -37.49
CA PRO B 257 30.77 -30.59 -38.76
C PRO B 257 29.36 -30.06 -38.93
N LYS B 258 28.91 -29.96 -40.17
CA LYS B 258 27.61 -29.37 -40.44
C LYS B 258 26.49 -30.10 -39.73
N ASP B 259 26.53 -31.43 -39.71
CA ASP B 259 25.44 -32.16 -39.05
C ASP B 259 25.32 -31.73 -37.59
N GLN B 260 26.45 -31.51 -36.95
CA GLN B 260 26.46 -31.13 -35.54
C GLN B 260 26.05 -29.68 -35.34
N ARG B 261 26.51 -28.80 -36.22
CA ARG B 261 26.05 -27.42 -36.15
C ARG B 261 24.54 -27.38 -36.28
N ASP B 262 24.00 -28.15 -37.22
CA ASP B 262 22.56 -28.13 -37.47
C ASP B 262 21.78 -28.64 -36.26
N MET B 263 22.30 -29.67 -35.59
CA MET B 263 21.65 -30.14 -34.38
C MET B 263 21.62 -29.08 -33.29
N LEU B 264 22.74 -28.38 -33.10
CA LEU B 264 22.79 -27.30 -32.11
C LEU B 264 21.74 -26.23 -32.41
N MET B 265 21.67 -25.83 -33.67
CA MET B 265 20.74 -24.78 -34.06
C MET B 265 19.30 -25.26 -33.94
N THR B 266 19.03 -26.48 -34.38
CA THR B 266 17.64 -26.93 -34.36
C THR B 266 17.14 -27.20 -32.94
N VAL B 267 17.96 -27.84 -32.11
CA VAL B 267 17.54 -27.99 -30.72
C VAL B 267 17.45 -26.62 -30.04
N GLY B 268 18.38 -25.72 -30.38
CA GLY B 268 18.30 -24.36 -29.85
C GLY B 268 16.96 -23.66 -30.10
N ALA B 269 16.48 -23.77 -31.32
CA ALA B 269 15.18 -23.18 -31.68
C ALA B 269 14.03 -23.88 -30.92
N GLU B 270 14.10 -25.20 -30.76
CA GLU B 270 13.09 -25.88 -29.96
C GLU B 270 13.04 -25.32 -28.55
N MET B 271 14.19 -24.92 -28.01
CA MET B 271 14.25 -24.50 -26.60
C MET B 271 13.61 -23.14 -26.39
N GLU B 272 13.44 -22.38 -27.48
CA GLU B 272 12.77 -21.08 -27.41
C GLU B 272 11.30 -21.23 -27.02
N LYS B 273 10.67 -22.30 -27.47
CA LYS B 273 9.28 -22.54 -27.10
C LYS B 273 9.16 -23.01 -25.66
N PHE B 274 10.15 -23.79 -25.22
CA PHE B 274 10.23 -24.19 -23.82
C PHE B 274 10.38 -22.94 -22.94
N ALA B 275 11.23 -22.04 -23.38
CA ALA B 275 11.49 -20.82 -22.61
C ALA B 275 10.25 -19.94 -22.54
N LEU B 276 9.52 -19.83 -23.64
CA LEU B 276 8.32 -19.00 -23.67
C LEU B 276 7.33 -19.49 -22.61
N GLU B 277 7.06 -20.78 -22.61
CA GLU B 277 6.11 -21.32 -21.65
C GLU B 277 6.60 -21.25 -20.22
N ALA B 278 7.88 -21.50 -20.00
CA ALA B 278 8.39 -21.54 -18.63
C ALA B 278 8.40 -20.15 -17.99
N ALA B 279 8.75 -19.13 -18.75
CA ALA B 279 8.76 -17.76 -18.24
C ALA B 279 7.35 -17.32 -17.88
N LYS B 280 6.40 -17.61 -18.75
CA LYS B 280 5.00 -17.24 -18.49
C LYS B 280 4.47 -17.94 -17.23
N LYS B 281 4.88 -19.19 -17.05
CA LYS B 281 4.49 -19.95 -15.86
C LYS B 281 5.03 -19.29 -14.58
N ASP B 282 6.30 -18.95 -14.60
CA ASP B 282 6.92 -18.24 -13.46
C ASP B 282 6.35 -16.84 -13.24
N ASP B 283 5.96 -16.15 -14.30
CA ASP B 283 5.29 -14.83 -14.13
C ASP B 283 4.08 -14.93 -13.23
N ILE B 284 3.39 -16.07 -13.30
CA ILE B 284 2.25 -16.35 -12.44
C ILE B 284 2.68 -16.89 -11.08
N ASP B 285 3.55 -17.91 -11.10
CA ASP B 285 3.88 -18.67 -9.91
C ASP B 285 4.63 -17.83 -8.85
N VAL B 286 5.36 -16.82 -9.29
CA VAL B 286 6.13 -16.02 -8.36
C VAL B 286 5.21 -15.30 -7.38
N ALA B 287 4.01 -14.92 -7.79
CA ALA B 287 3.11 -14.21 -6.88
C ALA B 287 2.83 -15.01 -5.61
N ALA B 288 2.45 -16.27 -5.77
CA ALA B 288 2.11 -17.11 -4.61
C ALA B 288 3.33 -17.40 -3.71
N VAL B 289 4.49 -17.59 -4.32
CA VAL B 289 5.71 -17.78 -3.55
C VAL B 289 5.89 -16.62 -2.59
N TYR B 290 5.73 -15.40 -3.09
CA TYR B 290 5.93 -14.22 -2.24
C TYR B 290 4.77 -13.98 -1.28
N GLN B 291 3.54 -14.16 -1.77
CA GLN B 291 2.36 -14.06 -0.90
C GLN B 291 2.52 -14.94 0.32
N LYS B 292 2.82 -16.21 0.07
CA LYS B 292 2.90 -17.18 1.15
C LYS B 292 4.06 -16.88 2.08
N ALA B 293 5.05 -16.14 1.58
CA ALA B 293 6.20 -15.79 2.40
C ALA B 293 5.94 -14.55 3.25
N GLY B 294 4.82 -13.88 3.00
CA GLY B 294 4.42 -12.74 3.79
C GLY B 294 4.57 -11.40 3.10
N ALA B 295 5.07 -11.40 1.86
CA ALA B 295 5.27 -10.14 1.14
C ALA B 295 3.96 -9.54 0.70
N LYS B 296 3.98 -8.22 0.56
CA LYS B 296 2.93 -7.49 -0.13
C LYS B 296 3.20 -7.65 -1.61
N VAL B 297 2.21 -8.20 -2.31
CA VAL B 297 2.35 -8.48 -3.72
C VAL B 297 1.35 -7.68 -4.52
N VAL B 298 1.85 -6.98 -5.54
CA VAL B 298 1.00 -6.14 -6.37
C VAL B 298 1.32 -6.35 -7.85
N ASP B 299 0.29 -6.27 -8.69
CA ASP B 299 0.44 -6.34 -10.15
C ASP B 299 0.44 -4.95 -10.79
N LEU B 300 0.87 -4.88 -12.04
CA LEU B 300 0.95 -3.61 -12.76
C LEU B 300 -0.28 -3.31 -13.61
N SER B 301 -0.73 -2.06 -13.53
CA SER B 301 -1.79 -1.55 -14.41
C SER B 301 -1.20 -1.20 -15.76
N ASP B 302 -2.03 -1.18 -16.79
CA ASP B 302 -1.59 -0.75 -18.10
C ASP B 302 -1.07 0.68 -18.07
N GLY B 303 -1.73 1.52 -17.28
CA GLY B 303 -1.36 2.93 -17.20
C GLY B 303 0.02 3.13 -16.60
N THR B 304 0.32 2.34 -15.57
CA THR B 304 1.62 2.36 -14.89
C THR B 304 2.72 1.92 -15.85
N ILE B 305 2.44 0.82 -16.55
CA ILE B 305 3.40 0.29 -17.50
C ILE B 305 3.75 1.36 -18.54
N LYS B 306 2.72 2.09 -19.00
CA LYS B 306 2.96 3.08 -20.04
C LYS B 306 3.80 4.24 -19.52
N LYS B 307 3.64 4.56 -18.22
CA LYS B 307 4.40 5.64 -17.62
C LYS B 307 5.90 5.35 -17.65
N TRP B 308 6.27 4.10 -17.36
CA TRP B 308 7.66 3.69 -17.44
C TRP B 308 8.16 3.71 -18.87
N GLN B 309 7.31 3.29 -19.81
CA GLN B 309 7.74 3.21 -21.20
C GLN B 309 7.92 4.60 -21.81
N ASP B 310 7.08 5.53 -21.38
CA ASP B 310 7.17 6.90 -21.86
C ASP B 310 8.46 7.55 -21.36
N ILE B 311 8.83 7.28 -20.12
CA ILE B 311 10.12 7.79 -19.62
C ILE B 311 11.28 7.17 -20.42
N ALA B 312 11.13 5.90 -20.77
CA ALA B 312 12.18 5.23 -21.52
C ALA B 312 12.42 5.94 -22.85
N ARG B 313 11.34 6.37 -23.51
CA ARG B 313 11.49 6.99 -24.83
C ARG B 313 12.26 8.31 -24.73
N LYS B 314 12.07 8.99 -23.62
CA LYS B 314 12.66 10.30 -23.41
C LYS B 314 14.11 10.22 -22.91
N THR B 315 14.51 9.06 -22.41
CA THR B 315 15.82 8.94 -21.77
C THR B 315 16.65 7.79 -22.35
N ALA B 316 16.35 6.58 -21.90
CA ALA B 316 17.00 5.37 -22.39
C ALA B 316 17.13 5.31 -23.92
N TRP B 317 16.04 5.53 -24.65
CA TRP B 317 16.11 5.38 -26.09
C TRP B 317 17.07 6.42 -26.69
N LYS B 318 17.09 7.63 -26.13
CA LYS B 318 17.99 8.66 -26.66
C LYS B 318 19.44 8.31 -26.34
N ASP B 319 19.67 7.83 -25.13
CA ASP B 319 21.02 7.47 -24.69
C ASP B 319 21.57 6.35 -25.56
N TYR B 320 20.72 5.36 -25.82
CA TYR B 320 21.09 4.21 -26.63
C TYR B 320 21.35 4.58 -28.11
N GLY B 321 20.36 5.20 -28.75
CA GLY B 321 20.50 5.54 -30.15
C GLY B 321 21.68 6.45 -30.46
N ALA B 322 21.98 7.35 -29.53
CA ALA B 322 23.06 8.32 -29.73
C ALA B 322 24.46 7.72 -29.54
N LYS B 323 24.57 6.54 -28.94
CA LYS B 323 25.88 5.99 -28.62
C LYS B 323 26.73 5.70 -29.86
N ASN B 324 26.17 4.99 -30.82
CA ASN B 324 26.85 4.74 -32.08
C ASN B 324 25.83 4.40 -33.17
N GLU B 325 26.24 4.34 -34.43
CA GLU B 325 25.27 4.09 -35.49
C GLU B 325 24.64 2.70 -35.36
N GLY B 326 25.38 1.73 -34.83
CA GLY B 326 24.83 0.40 -34.67
C GLY B 326 23.64 0.40 -33.76
N CYS B 327 23.72 1.21 -32.70
CA CYS B 327 22.63 1.36 -31.76
C CYS B 327 21.46 2.08 -32.41
N ALA B 328 21.74 3.16 -33.13
CA ALA B 328 20.67 3.89 -33.78
C ALA B 328 19.90 2.97 -34.74
N LYS B 329 20.64 2.11 -35.42
CA LYS B 329 20.06 1.19 -36.39
C LYS B 329 19.19 0.15 -35.69
N LEU B 330 19.74 -0.49 -34.64
CA LEU B 330 18.97 -1.48 -33.88
C LEU B 330 17.71 -0.83 -33.27
N LEU B 331 17.85 0.41 -32.82
CA LEU B 331 16.70 1.07 -32.19
C LEU B 331 15.59 1.24 -33.23
N ALA B 332 15.95 1.71 -34.42
CA ALA B 332 14.93 1.96 -35.48
C ALA B 332 14.30 0.63 -35.88
N LEU B 333 15.11 -0.40 -36.08
CA LEU B 333 14.59 -1.71 -36.48
C LEU B 333 13.65 -2.28 -35.42
N ALA B 334 14.01 -2.12 -34.15
CA ALA B 334 13.16 -2.61 -33.07
C ALA B 334 11.80 -1.90 -33.10
N GLN B 335 11.80 -0.60 -33.38
CA GLN B 335 10.53 0.13 -33.42
C GLN B 335 9.58 -0.41 -34.47
N GLN B 336 10.11 -0.97 -35.54
CA GLN B 336 9.25 -1.55 -36.56
C GLN B 336 8.39 -2.66 -36.01
N THR B 337 8.88 -3.41 -35.02
CA THR B 337 8.12 -4.54 -34.47
C THR B 337 6.98 -4.04 -33.58
N LEU B 338 7.14 -2.88 -32.97
CA LEU B 338 6.06 -2.25 -32.20
C LEU B 338 4.93 -1.82 -33.14
N ALA B 339 5.30 -1.14 -34.22
CA ALA B 339 4.33 -0.63 -35.18
C ALA B 339 3.60 -1.81 -35.80
N GLU B 340 4.34 -2.87 -36.12
CA GLU B 340 3.73 -4.06 -36.70
C GLU B 340 2.74 -4.70 -35.71
N ASN B 341 3.14 -4.79 -34.44
CA ASN B 341 2.26 -5.28 -33.36
C ASN B 341 0.96 -4.48 -33.27
N LEU B 342 1.04 -3.18 -33.51
CA LEU B 342 -0.16 -2.34 -33.43
C LEU B 342 -1.00 -2.35 -34.71
N TYR B 343 -0.35 -2.37 -35.87
CA TYR B 343 -1.07 -1.99 -37.10
C TYR B 343 -1.26 -3.10 -38.13
N PHE B 344 -0.78 -4.31 -37.85
CA PHE B 344 -1.11 -5.45 -38.70
C PHE B 344 -2.01 -6.43 -37.94
N SER C 28 8.54 8.15 9.90
CA SER C 28 8.95 9.51 10.23
C SER C 28 7.81 10.49 10.00
N ALA C 29 7.76 11.54 10.80
CA ALA C 29 6.72 12.55 10.63
C ALA C 29 7.00 13.33 9.37
N LEU C 30 5.93 13.72 8.69
CA LEU C 30 6.00 14.63 7.56
C LEU C 30 6.17 16.02 8.13
N LYS C 31 7.03 16.83 7.52
CA LYS C 31 7.32 18.14 8.02
C LYS C 31 6.49 19.20 7.32
N ILE C 32 5.97 20.16 8.10
CA ILE C 32 5.29 21.33 7.53
C ILE C 32 6.04 22.57 8.00
N SER C 33 6.62 23.29 7.04
CA SER C 33 7.40 24.49 7.30
C SER C 33 6.64 25.75 6.90
N HIS C 34 6.77 26.80 7.68
CA HIS C 34 6.27 28.12 7.26
C HIS C 34 7.00 29.22 8.04
N GLN C 35 6.81 30.47 7.63
CA GLN C 35 7.57 31.61 8.12
C GLN C 35 6.89 32.36 9.25
N PHE C 36 5.65 32.00 9.54
CA PHE C 36 4.82 32.71 10.50
C PHE C 36 4.96 32.27 11.96
N PRO C 37 4.53 33.13 12.88
CA PRO C 37 4.71 32.81 14.29
C PRO C 37 4.02 31.51 14.68
N GLY C 38 4.60 30.78 15.63
CA GLY C 38 4.02 29.54 16.09
C GLY C 38 3.09 29.71 17.27
N GLY C 39 2.14 28.79 17.38
CA GLY C 39 1.20 28.78 18.48
C GLY C 39 0.56 27.44 18.61
N THR C 40 -0.75 27.41 18.84
CA THR C 40 -1.46 26.16 19.00
C THR C 40 -2.58 26.09 17.98
N ILE C 41 -3.27 24.95 17.93
CA ILE C 41 -4.45 24.78 17.07
C ILE C 41 -5.46 25.89 17.32
N LYS C 42 -5.61 26.29 18.57
CA LYS C 42 -6.68 27.23 18.93
C LYS C 42 -6.27 28.69 19.07
N GLU C 43 -4.96 28.96 19.16
CA GLU C 43 -4.49 30.32 19.38
C GLU C 43 -3.27 30.64 18.56
N GLY C 44 -3.38 31.71 17.80
CA GLY C 44 -2.23 32.22 17.06
C GLY C 44 -2.55 32.67 15.64
N ASP C 45 -1.48 32.88 14.86
CA ASP C 45 -1.58 33.21 13.45
C ASP C 45 -2.43 32.13 12.79
N PHE C 46 -3.47 32.51 12.05
CA PHE C 46 -4.37 31.48 11.53
C PHE C 46 -3.67 30.49 10.62
N ARG C 47 -2.58 30.86 9.98
CA ARG C 47 -1.91 29.94 9.08
C ARG C 47 -1.25 28.81 9.87
N ASP C 48 -0.69 29.16 11.02
CA ASP C 48 -0.13 28.13 11.90
C ASP C 48 -1.27 27.29 12.50
N ARG C 49 -2.35 27.94 12.92
CA ARG C 49 -3.51 27.19 13.36
C ARG C 49 -4.02 26.20 12.29
N LEU C 50 -4.12 26.69 11.06
CA LEU C 50 -4.58 25.87 9.95
C LEU C 50 -3.72 24.65 9.75
N VAL C 51 -2.39 24.79 9.73
CA VAL C 51 -1.58 23.60 9.47
C VAL C 51 -1.64 22.59 10.65
N ARG C 52 -1.79 23.09 11.87
CA ARG C 52 -1.99 22.21 13.02
C ARG C 52 -3.35 21.52 12.98
N ASN C 53 -4.40 22.22 12.54
CA ASN C 53 -5.71 21.60 12.36
C ASN C 53 -5.63 20.52 11.30
N PHE C 54 -4.98 20.86 10.19
CA PHE C 54 -4.78 19.92 9.10
C PHE C 54 -4.10 18.66 9.61
N ALA C 55 -2.98 18.85 10.28
CA ALA C 55 -2.19 17.74 10.81
C ALA C 55 -2.99 16.87 11.76
N ALA C 56 -3.68 17.52 12.68
CA ALA C 56 -4.46 16.79 13.69
C ALA C 56 -5.55 15.95 13.03
N GLU C 57 -6.19 16.50 12.01
CA GLU C 57 -7.30 15.85 11.36
C GLU C 57 -6.78 14.70 10.51
N VAL C 58 -5.67 14.91 9.82
CA VAL C 58 -5.10 13.84 9.01
C VAL C 58 -4.55 12.70 9.90
N GLU C 59 -3.93 13.08 11.02
N GLU C 59 -3.91 13.04 11.02
CA GLU C 59 -3.41 12.13 12.01
CA GLU C 59 -3.41 12.02 11.93
C GLU C 59 -4.50 11.25 12.59
C GLU C 59 -4.57 11.18 12.45
N LYS C 60 -5.66 11.86 12.81
CA LYS C 60 -6.82 11.17 13.36
C LYS C 60 -7.47 10.26 12.33
N ARG C 61 -7.72 10.81 11.15
CA ARG C 61 -8.44 10.08 10.11
C ARG C 61 -7.60 8.94 9.54
N SER C 62 -6.28 9.13 9.52
CA SER C 62 -5.35 8.08 9.11
C SER C 62 -5.02 7.09 10.24
N LYS C 63 -5.66 7.27 11.38
CA LYS C 63 -5.43 6.39 12.54
C LYS C 63 -3.95 6.32 12.90
N GLY C 64 -3.24 7.43 12.79
CA GLY C 64 -1.84 7.49 13.15
C GLY C 64 -0.85 7.11 12.06
N ALA C 65 -1.35 6.65 10.93
CA ALA C 65 -0.47 6.20 9.84
C ALA C 65 0.34 7.37 9.27
N MET C 66 -0.20 8.58 9.40
CA MET C 66 0.54 9.79 9.05
C MET C 66 0.61 10.64 10.30
N LYS C 67 1.80 11.16 10.58
CA LYS C 67 1.96 12.10 11.67
C LYS C 67 2.81 13.25 11.14
N PHE C 68 2.75 14.39 11.81
CA PHE C 68 3.32 15.61 11.30
C PHE C 68 4.13 16.33 12.37
N GLU C 69 5.15 17.04 11.94
CA GLU C 69 5.81 18.01 12.80
C GLU C 69 5.77 19.37 12.12
N ILE C 70 5.44 20.41 12.90
CA ILE C 70 5.33 21.77 12.40
C ILE C 70 6.60 22.57 12.74
N TYR C 71 7.12 23.29 11.76
CA TYR C 71 8.28 24.14 11.93
C TYR C 71 7.89 25.59 11.57
N PRO C 72 7.28 26.28 12.52
CA PRO C 72 6.85 27.66 12.31
C PRO C 72 8.04 28.61 12.33
N GLY C 73 7.85 29.86 11.98
CA GLY C 73 8.87 30.88 12.18
C GLY C 73 10.20 30.62 11.49
N SER C 74 10.17 29.93 10.36
CA SER C 74 11.38 29.59 9.62
C SER C 74 12.38 28.80 10.45
N SER C 75 11.87 27.97 11.36
CA SER C 75 12.72 27.22 12.26
C SER C 75 13.36 26.03 11.57
N LEU C 76 12.87 25.65 10.39
CA LEU C 76 13.48 24.52 9.66
C LEU C 76 14.47 25.01 8.60
N MET C 77 14.06 26.04 7.87
CA MET C 77 14.90 26.62 6.82
C MET C 77 14.38 28.02 6.51
N LYS C 78 15.19 28.80 5.79
CA LYS C 78 14.80 30.16 5.44
C LYS C 78 13.56 30.17 4.59
N THR C 79 12.80 31.23 4.78
CA THR C 79 11.59 31.47 4.01
C THR C 79 11.76 31.21 2.52
N ASN C 80 12.85 31.73 1.94
CA ASN C 80 13.06 31.62 0.50
C ASN C 80 13.62 30.29 0.02
N ALA C 81 13.80 29.34 0.93
CA ALA C 81 14.35 28.03 0.57
C ALA C 81 13.25 26.97 0.45
N GLN C 82 12.08 27.26 0.99
CA GLN C 82 11.03 26.24 1.20
C GLN C 82 10.44 25.68 -0.10
N PHE C 83 10.15 26.58 -1.04
CA PHE C 83 9.49 26.21 -2.28
C PHE C 83 10.38 25.26 -3.08
N SER C 84 11.63 25.64 -3.28
N SER C 84 11.63 25.62 -3.25
CA SER C 84 12.57 24.83 -4.04
CA SER C 84 12.55 24.83 -4.06
C SER C 84 12.80 23.50 -3.34
C SER C 84 12.93 23.52 -3.35
N SER C 85 12.88 23.52 -2.01
CA SER C 85 13.07 22.28 -1.27
C SER C 85 11.92 21.31 -1.52
N MET C 86 10.69 21.83 -1.54
CA MET C 86 9.55 20.96 -1.92
C MET C 86 9.66 20.43 -3.35
N ARG C 87 10.02 21.28 -4.30
CA ARG C 87 10.16 20.82 -5.70
C ARG C 87 11.11 19.63 -5.76
N LYS C 88 12.19 19.70 -4.98
CA LYS C 88 13.24 18.70 -5.02
C LYS C 88 12.93 17.47 -4.17
N GLY C 89 11.87 17.55 -3.37
CA GLY C 89 11.49 16.42 -2.56
C GLY C 89 12.21 16.38 -1.24
N ALA C 90 12.84 17.49 -0.86
CA ALA C 90 13.62 17.56 0.37
C ALA C 90 12.82 18.13 1.51
N LEU C 91 11.65 18.70 1.21
CA LEU C 91 10.72 19.22 2.22
C LEU C 91 9.33 18.70 1.89
N ASP C 92 8.63 18.17 2.88
CA ASP C 92 7.32 17.55 2.62
C ASP C 92 6.26 18.59 2.28
N MET C 93 6.05 19.58 3.15
CA MET C 93 4.97 20.55 3.01
C MET C 93 5.40 21.92 3.48
N ALA C 94 4.77 22.96 2.96
CA ALA C 94 5.03 24.32 3.40
C ALA C 94 3.83 25.19 3.03
N LEU C 95 3.58 26.19 3.85
CA LEU C 95 2.59 27.19 3.57
C LEU C 95 3.36 28.44 3.27
N ILE C 96 3.33 28.86 2.00
CA ILE C 96 4.15 29.97 1.51
C ILE C 96 3.34 30.91 0.61
N PRO C 97 3.51 32.23 0.78
CA PRO C 97 3.06 33.12 -0.30
C PRO C 97 3.59 32.60 -1.65
N LEU C 98 2.67 32.31 -2.56
CA LEU C 98 3.05 31.65 -3.81
C LEU C 98 3.99 32.50 -4.68
N SER C 99 3.70 33.79 -4.75
CA SER C 99 4.38 34.71 -5.66
C SER C 99 5.85 34.93 -5.28
N TYR C 100 6.24 34.49 -4.09
CA TYR C 100 7.65 34.58 -3.69
C TYR C 100 8.52 33.84 -4.68
N ALA C 101 7.94 32.87 -5.39
CA ALA C 101 8.66 32.07 -6.39
C ALA C 101 8.54 32.63 -7.81
N GLY C 102 7.99 33.83 -7.94
CA GLY C 102 7.77 34.42 -9.25
C GLY C 102 9.05 34.65 -10.04
N GLY C 103 10.18 34.71 -9.37
CA GLY C 103 11.45 34.91 -10.06
C GLY C 103 11.85 33.69 -10.86
N GLU C 104 11.56 32.50 -10.36
CA GLU C 104 11.89 31.25 -11.08
C GLU C 104 10.76 30.81 -11.98
N VAL C 105 9.53 31.11 -11.58
CA VAL C 105 8.37 30.69 -12.36
C VAL C 105 7.46 31.90 -12.46
N PRO C 106 7.67 32.71 -13.50
CA PRO C 106 6.97 33.99 -13.59
C PRO C 106 5.45 33.85 -13.50
N GLU C 107 4.89 32.74 -13.97
CA GLU C 107 3.45 32.54 -13.91
C GLU C 107 2.93 32.74 -12.49
N LEU C 108 3.79 32.49 -11.50
CA LEU C 108 3.33 32.51 -10.12
C LEU C 108 3.20 33.94 -9.59
N ASN C 109 3.69 34.92 -10.34
CA ASN C 109 3.51 36.33 -9.95
C ASN C 109 2.04 36.72 -9.82
N ILE C 110 1.15 35.93 -10.42
CA ILE C 110 -0.28 36.22 -10.34
C ILE C 110 -0.85 36.16 -8.91
N GLY C 111 -0.07 35.57 -7.99
CA GLY C 111 -0.54 35.37 -6.63
C GLY C 111 -0.66 36.66 -5.84
N LEU C 112 -0.04 37.73 -6.31
CA LEU C 112 -0.25 39.07 -5.75
C LEU C 112 -0.14 40.03 -6.90
N MET C 113 -1.29 40.39 -7.45
CA MET C 113 -1.36 41.34 -8.53
C MET C 113 -2.74 41.98 -8.54
N PRO C 114 -2.80 43.22 -8.05
CA PRO C 114 -4.08 43.94 -7.95
C PRO C 114 -4.87 44.01 -9.25
N GLY C 115 -6.19 44.08 -9.13
CA GLY C 115 -7.06 44.19 -10.28
C GLY C 115 -7.64 42.85 -10.70
N LEU C 116 -6.85 41.78 -10.58
CA LEU C 116 -7.34 40.43 -10.91
C LEU C 116 -8.12 39.78 -9.80
N VAL C 117 -7.85 40.19 -8.56
CA VAL C 117 -8.62 39.70 -7.44
C VAL C 117 -9.23 40.89 -6.74
N VAL C 118 -10.53 40.82 -6.49
CA VAL C 118 -11.23 41.98 -5.93
C VAL C 118 -12.01 41.64 -4.66
N SER C 119 -12.20 40.36 -4.39
CA SER C 119 -12.97 39.95 -3.23
C SER C 119 -12.59 38.52 -2.88
N TYR C 120 -12.85 38.10 -1.66
CA TYR C 120 -12.58 36.71 -1.28
C TYR C 120 -13.39 35.74 -2.13
N GLU C 121 -14.68 36.03 -2.32
CA GLU C 121 -15.54 35.10 -3.02
C GLU C 121 -15.04 34.87 -4.45
N GLN C 122 -14.64 35.95 -5.11
CA GLN C 122 -14.16 35.85 -6.47
C GLN C 122 -12.77 35.21 -6.51
N ALA C 123 -11.96 35.48 -5.50
CA ALA C 123 -10.63 34.83 -5.41
C ALA C 123 -10.75 33.31 -5.28
N TYR C 124 -11.57 32.83 -4.36
CA TYR C 124 -11.72 31.39 -4.17
C TYR C 124 -12.43 30.75 -5.36
N SER C 125 -13.21 31.54 -6.10
CA SER C 125 -13.89 31.02 -7.28
C SER C 125 -12.92 30.57 -8.36
N TRP C 126 -11.68 31.03 -8.28
CA TRP C 126 -10.68 30.64 -9.24
C TRP C 126 -10.49 29.13 -9.24
N LYS C 127 -10.64 28.52 -8.07
CA LYS C 127 -10.17 27.15 -7.89
C LYS C 127 -10.75 26.15 -8.89
N THR C 128 -12.06 26.22 -9.15
CA THR C 128 -12.68 25.26 -10.07
C THR C 128 -12.93 25.86 -11.47
N LYS C 129 -12.57 27.12 -11.63
CA LYS C 129 -12.62 27.79 -12.92
C LYS C 129 -11.32 27.59 -13.71
N PRO C 130 -11.36 27.89 -15.00
CA PRO C 130 -10.20 27.61 -15.85
C PRO C 130 -8.89 28.21 -15.31
N VAL C 131 -8.94 29.42 -14.76
CA VAL C 131 -7.73 30.02 -14.18
C VAL C 131 -7.12 29.15 -13.07
N GLY C 132 -7.93 28.63 -12.16
CA GLY C 132 -7.43 27.82 -11.05
C GLY C 132 -6.90 26.49 -11.54
N ILE C 133 -7.62 25.92 -12.49
CA ILE C 133 -7.20 24.66 -13.09
C ILE C 133 -5.84 24.82 -13.76
N GLU C 134 -5.65 25.90 -14.50
CA GLU C 134 -4.37 26.17 -15.15
C GLU C 134 -3.24 26.43 -14.13
N LEU C 135 -3.52 27.23 -13.10
CA LEU C 135 -2.50 27.47 -12.07
C LEU C 135 -2.10 26.13 -11.42
N THR C 136 -3.10 25.29 -11.19
CA THR C 136 -2.84 24.00 -10.58
C THR C 136 -1.97 23.16 -11.51
N ARG C 137 -2.21 23.27 -12.81
CA ARG C 137 -1.47 22.50 -13.80
C ARG C 137 0.00 22.95 -13.87
N VAL C 138 0.19 24.26 -13.87
CA VAL C 138 1.54 24.83 -13.84
C VAL C 138 2.32 24.33 -12.63
N LEU C 139 1.69 24.33 -11.47
CA LEU C 139 2.40 23.94 -10.25
C LEU C 139 2.75 22.46 -10.25
N GLN C 140 1.84 21.64 -10.75
CA GLN C 140 2.12 20.21 -10.89
C GLN C 140 3.37 19.95 -11.75
N GLU C 141 3.47 20.67 -12.88
CA GLU C 141 4.62 20.60 -13.77
C GLU C 141 5.90 20.96 -13.04
N LYS C 142 5.78 21.85 -12.06
CA LYS C 142 6.92 22.34 -11.31
C LYS C 142 7.18 21.55 -10.03
N GLY C 143 6.43 20.46 -9.84
CA GLY C 143 6.65 19.59 -8.68
C GLY C 143 5.91 19.96 -7.40
N ILE C 144 4.78 20.66 -7.54
CA ILE C 144 4.07 21.20 -6.38
C ILE C 144 2.58 20.87 -6.38
N VAL C 145 2.09 20.41 -5.22
CA VAL C 145 0.68 20.08 -5.05
C VAL C 145 0.04 21.18 -4.20
N LEU C 146 -1.09 21.70 -4.65
CA LEU C 146 -1.88 22.68 -3.87
C LEU C 146 -2.85 21.92 -2.97
N ILE C 147 -2.57 21.95 -1.67
CA ILE C 147 -3.32 21.23 -0.65
C ILE C 147 -4.50 22.08 -0.15
N SER C 148 -4.23 23.35 0.15
CA SER C 148 -5.27 24.29 0.57
C SER C 148 -5.07 25.63 -0.09
N TRP C 149 -6.10 26.07 -0.80
CA TRP C 149 -6.16 27.43 -1.29
C TRP C 149 -6.37 28.37 -0.10
N ILE C 150 -5.56 29.43 -0.05
CA ILE C 150 -5.61 30.44 1.01
C ILE C 150 -5.39 31.81 0.36
N TRP C 151 -6.38 32.69 0.47
CA TRP C 151 -6.25 34.07 -0.01
C TRP C 151 -6.42 35.04 1.15
N GLN C 152 -5.61 36.09 1.16
CA GLN C 152 -5.64 37.05 2.26
C GLN C 152 -5.63 38.49 1.76
N ALA C 153 -6.62 39.25 2.21
CA ALA C 153 -6.61 40.69 2.02
C ALA C 153 -5.51 41.35 2.86
N GLY C 154 -5.02 42.48 2.37
CA GLY C 154 -3.96 43.22 3.03
C GLY C 154 -4.28 44.68 3.28
N GLY C 155 -3.23 45.47 3.44
CA GLY C 155 -3.32 46.86 3.80
C GLY C 155 -1.91 47.43 3.79
N VAL C 156 -1.70 48.59 4.44
CA VAL C 156 -0.38 49.24 4.48
C VAL C 156 -0.10 49.82 5.84
N ALA C 157 1.02 49.40 6.45
CA ALA C 157 1.49 49.98 7.69
C ALA C 157 2.61 50.96 7.36
N SER C 158 2.54 52.13 7.95
CA SER C 158 3.47 53.20 7.67
C SER C 158 4.09 53.77 8.96
N ARG C 159 5.36 54.18 8.90
CA ARG C 159 5.99 54.90 10.01
C ARG C 159 5.70 56.39 9.92
N GLY C 160 4.98 56.81 8.89
CA GLY C 160 4.77 58.22 8.63
C GLY C 160 3.32 58.56 8.42
N LYS C 161 3.05 59.30 7.36
CA LYS C 161 1.68 59.56 6.97
C LYS C 161 1.11 58.23 6.52
N PRO C 162 -0.21 58.07 6.69
CA PRO C 162 -0.79 56.84 6.15
C PRO C 162 -0.62 56.79 4.64
N VAL C 163 -0.46 55.57 4.14
CA VAL C 163 -0.39 55.37 2.71
C VAL C 163 -1.78 54.90 2.28
N VAL C 164 -2.51 55.82 1.65
CA VAL C 164 -3.87 55.58 1.22
C VAL C 164 -3.94 55.57 -0.30
N GLU C 165 -3.61 56.70 -0.92
CA GLU C 165 -3.64 56.84 -2.37
C GLU C 165 -2.27 56.43 -2.91
N PRO C 166 -2.22 56.05 -4.19
CA PRO C 166 -0.90 55.71 -4.74
C PRO C 166 0.10 56.87 -4.63
N GLU C 167 -0.36 58.10 -4.80
CA GLU C 167 0.51 59.27 -4.69
C GLU C 167 1.16 59.35 -3.32
N ASP C 168 0.54 58.73 -2.32
CA ASP C 168 1.12 58.78 -0.98
C ASP C 168 2.43 58.02 -0.90
N ALA C 169 2.67 57.14 -1.86
CA ALA C 169 3.87 56.31 -1.80
C ALA C 169 5.06 57.01 -2.44
N LYS C 170 4.81 58.14 -3.12
CA LYS C 170 5.89 58.85 -3.81
C LYS C 170 6.98 59.22 -2.82
N GLY C 171 8.20 58.79 -3.12
CA GLY C 171 9.36 59.15 -2.31
C GLY C 171 9.52 58.28 -1.07
N MET C 172 8.64 57.31 -0.87
CA MET C 172 8.75 56.41 0.28
C MET C 172 9.53 55.14 -0.04
N LYS C 173 10.28 54.65 0.95
CA LYS C 173 10.85 53.31 0.86
C LYS C 173 9.75 52.36 1.30
N ILE C 174 9.20 51.60 0.37
CA ILE C 174 8.03 50.78 0.69
C ILE C 174 8.10 49.37 0.14
N ARG C 175 7.72 48.40 0.97
CA ARG C 175 7.66 46.99 0.58
C ARG C 175 6.26 46.60 0.11
N GLY C 176 6.14 46.22 -1.15
CA GLY C 176 4.85 45.88 -1.72
C GLY C 176 4.49 44.41 -1.55
N GLY C 177 5.52 43.57 -1.58
CA GLY C 177 5.34 42.16 -1.32
C GLY C 177 5.47 41.25 -2.53
N SER C 178 5.47 41.80 -3.74
CA SER C 178 5.66 41.01 -4.94
C SER C 178 6.15 41.87 -6.10
N ARG C 179 6.65 41.24 -7.14
CA ARG C 179 7.13 41.99 -8.29
C ARG C 179 6.04 42.93 -8.80
N GLU C 180 4.83 42.40 -8.92
CA GLU C 180 3.76 43.17 -9.57
C GLU C 180 3.15 44.24 -8.67
N MET C 181 3.06 43.99 -7.37
CA MET C 181 2.69 45.06 -6.45
C MET C 181 3.75 46.17 -6.50
N ASP C 182 5.02 45.77 -6.58
CA ASP C 182 6.11 46.75 -6.63
C ASP C 182 6.18 47.52 -7.96
N MET C 183 5.71 46.90 -9.04
CA MET C 183 5.64 47.59 -10.32
C MET C 183 4.68 48.76 -10.19
N ILE C 184 3.56 48.54 -9.52
CA ILE C 184 2.57 49.59 -9.28
C ILE C 184 3.19 50.71 -8.42
N LEU C 185 3.91 50.33 -7.36
CA LEU C 185 4.53 51.32 -6.49
C LEU C 185 5.63 52.14 -7.18
N LYS C 186 6.45 51.48 -7.99
CA LYS C 186 7.45 52.18 -8.77
C LYS C 186 6.79 53.23 -9.70
N ASP C 187 5.65 52.89 -10.30
CA ASP C 187 4.95 53.83 -11.17
C ASP C 187 4.49 55.06 -10.39
N ALA C 188 4.13 54.85 -9.13
CA ALA C 188 3.66 55.96 -8.30
C ALA C 188 4.81 56.74 -7.68
N GLY C 189 6.04 56.36 -7.98
CA GLY C 189 7.19 57.11 -7.54
C GLY C 189 7.80 56.61 -6.23
N ALA C 190 7.43 55.40 -5.80
CA ALA C 190 8.00 54.84 -4.58
C ALA C 190 9.37 54.23 -4.83
N ALA C 191 10.16 54.08 -3.78
CA ALA C 191 11.40 53.30 -3.83
C ALA C 191 11.14 51.94 -3.19
N VAL C 192 11.05 50.90 -4.01
CA VAL C 192 10.57 49.63 -3.50
C VAL C 192 11.68 48.77 -2.88
N VAL C 193 11.30 48.00 -1.85
CA VAL C 193 12.21 47.12 -1.14
C VAL C 193 11.58 45.74 -1.13
N SER C 194 12.36 44.72 -1.45
CA SER C 194 11.87 43.35 -1.50
C SER C 194 12.38 42.55 -0.32
N LEU C 195 11.47 41.95 0.43
CA LEU C 195 11.86 41.02 1.48
C LEU C 195 10.64 40.23 1.87
N PRO C 196 10.86 39.02 2.41
CA PRO C 196 9.74 38.23 2.91
C PRO C 196 9.16 38.90 4.14
N SER C 197 7.91 38.58 4.46
CA SER C 197 7.18 39.41 5.41
C SER C 197 7.69 39.25 6.82
N ASN C 198 8.37 38.15 7.09
CA ASN C 198 8.99 37.95 8.40
C ASN C 198 10.18 38.89 8.66
N GLU C 199 10.59 39.66 7.66
CA GLU C 199 11.69 40.58 7.81
C GLU C 199 11.26 42.05 7.82
N ILE C 200 9.95 42.30 7.76
CA ILE C 200 9.43 43.65 7.73
C ILE C 200 9.72 44.38 9.03
N TYR C 201 9.46 43.71 10.15
CA TYR C 201 9.57 44.36 11.47
C TYR C 201 10.91 45.04 11.65
N ALA C 202 11.99 44.29 11.47
CA ALA C 202 13.31 44.85 11.71
C ALA C 202 13.62 46.04 10.82
N ALA C 203 13.19 45.95 9.57
CA ALA C 203 13.49 47.01 8.59
C ALA C 203 12.73 48.27 8.96
N MET C 204 11.52 48.12 9.46
CA MET C 204 10.76 49.28 9.90
C MET C 204 11.27 49.83 11.22
N GLN C 205 11.73 48.94 12.10
CA GLN C 205 12.13 49.36 13.43
C GLN C 205 13.29 50.36 13.37
N THR C 206 14.19 50.16 12.41
CA THR C 206 15.34 51.05 12.22
C THR C 206 15.02 52.29 11.39
N GLY C 207 13.87 52.29 10.74
CA GLY C 207 13.55 53.35 9.81
C GLY C 207 14.07 53.09 8.39
N ALA C 208 14.72 51.96 8.17
CA ALA C 208 15.26 51.60 6.86
C ALA C 208 14.18 51.55 5.79
N MET C 209 12.95 51.38 6.24
CA MET C 209 11.80 51.25 5.36
C MET C 209 10.67 52.05 5.97
N ASP C 210 9.98 52.82 5.14
CA ASP C 210 8.93 53.71 5.62
C ASP C 210 7.58 53.03 5.76
N ALA C 211 7.32 52.03 4.92
CA ALA C 211 6.01 51.41 4.90
C ALA C 211 6.10 50.01 4.35
N ALA C 212 5.11 49.20 4.69
CA ALA C 212 5.04 47.82 4.20
C ALA C 212 3.59 47.41 3.98
N MET C 213 3.38 46.69 2.87
CA MET C 213 2.11 46.00 2.66
C MET C 213 2.26 44.53 3.02
N THR C 214 1.25 44.01 3.71
CA THR C 214 1.18 42.60 4.02
C THR C 214 -0.28 42.34 4.41
N SER C 215 -0.58 41.11 4.84
CA SER C 215 -1.93 40.72 5.16
C SER C 215 -2.36 41.23 6.52
N SER C 216 -3.67 41.29 6.73
CA SER C 216 -4.18 41.66 8.05
C SER C 216 -3.63 40.75 9.12
N THR C 217 -3.57 39.45 8.83
CA THR C 217 -3.08 38.50 9.81
C THR C 217 -1.63 38.81 10.19
N SER C 218 -0.81 39.11 9.20
CA SER C 218 0.59 39.43 9.45
C SER C 218 0.78 40.74 10.18
N PHE C 219 -0.06 41.74 9.88
CA PHE C 219 0.02 42.98 10.65
C PHE C 219 -0.13 42.70 12.13
N ILE C 220 -0.98 41.73 12.47
CA ILE C 220 -1.16 41.34 13.86
C ILE C 220 -0.03 40.44 14.39
N SER C 221 0.24 39.35 13.67
N SER C 221 0.27 39.35 13.70
CA SER C 221 1.20 38.34 14.12
CA SER C 221 1.20 38.35 14.25
C SER C 221 2.60 38.89 14.32
C SER C 221 2.68 38.79 14.26
N PHE C 222 3.04 39.68 13.36
CA PHE C 222 4.38 40.27 13.38
C PHE C 222 4.44 41.55 14.24
N ARG C 223 3.33 41.93 14.87
CA ARG C 223 3.29 43.01 15.85
C ARG C 223 3.81 44.34 15.26
N LEU C 224 3.48 44.60 14.01
CA LEU C 224 3.98 45.78 13.32
C LEU C 224 3.44 47.11 13.91
N GLU C 225 2.37 47.04 14.69
CA GLU C 225 1.89 48.22 15.42
C GLU C 225 2.96 48.80 16.38
N GLU C 226 3.95 48.01 16.78
CA GLU C 226 5.01 48.51 17.64
C GLU C 226 5.94 49.50 16.95
N VAL C 227 6.02 49.38 15.64
CA VAL C 227 6.97 50.15 14.84
C VAL C 227 6.33 50.89 13.68
N ALA C 228 5.01 50.79 13.54
CA ALA C 228 4.29 51.49 12.47
C ALA C 228 2.99 52.05 13.06
N LYS C 229 2.85 53.37 13.09
CA LYS C 229 1.74 54.00 13.79
C LYS C 229 0.68 54.58 12.85
N ALA C 230 0.69 54.11 11.60
CA ALA C 230 -0.39 54.37 10.65
C ALA C 230 -0.72 53.09 9.91
N LEU C 231 -2.00 52.74 9.84
CA LEU C 231 -2.45 51.53 9.19
C LEU C 231 -3.61 51.86 8.27
N THR C 232 -3.48 51.45 7.03
CA THR C 232 -4.59 51.41 6.08
C THR C 232 -5.07 49.98 6.02
N THR C 233 -6.32 49.76 6.38
CA THR C 233 -6.88 48.42 6.47
C THR C 233 -7.57 47.97 5.18
N GLY C 234 -7.98 46.71 5.21
CA GLY C 234 -8.87 46.13 4.19
C GLY C 234 -10.28 45.88 4.70
N ARG C 235 -10.65 46.54 5.79
CA ARG C 235 -11.97 46.41 6.42
C ARG C 235 -13.14 46.71 5.47
N THR C 236 -12.98 47.73 4.63
CA THR C 236 -14.03 48.13 3.69
C THR C 236 -13.59 47.89 2.25
N GLY C 237 -12.79 46.84 2.07
CA GLY C 237 -12.29 46.46 0.76
C GLY C 237 -10.79 46.62 0.66
N ALA C 238 -10.18 45.95 -0.30
CA ALA C 238 -8.73 45.97 -0.50
C ALA C 238 -8.39 45.84 -1.98
N TYR C 239 -7.23 46.37 -2.38
CA TYR C 239 -6.65 46.08 -3.68
C TYR C 239 -5.60 44.95 -3.59
N TRP C 240 -5.06 44.77 -2.38
CA TRP C 240 -4.02 43.75 -2.08
C TRP C 240 -4.65 42.44 -1.58
N PHE C 241 -4.50 41.41 -2.39
CA PHE C 241 -4.93 40.05 -2.05
C PHE C 241 -3.80 39.10 -2.42
N MET C 242 -3.27 38.36 -1.45
CA MET C 242 -2.14 37.47 -1.71
C MET C 242 -2.56 36.02 -1.53
N PHE C 243 -2.10 35.19 -2.45
CA PHE C 243 -2.37 33.76 -2.40
C PHE C 243 -1.23 33.09 -1.59
N GLU C 244 -1.61 32.44 -0.49
CA GLU C 244 -0.61 31.90 0.46
C GLU C 244 -0.96 30.44 0.77
N PRO C 245 -0.97 29.59 -0.26
CA PRO C 245 -1.51 28.24 -0.08
C PRO C 245 -0.63 27.31 0.76
N LEU C 246 -1.29 26.33 1.39
CA LEU C 246 -0.60 25.16 1.89
C LEU C 246 -0.27 24.28 0.70
N MET C 247 1.01 23.93 0.57
CA MET C 247 1.51 23.14 -0.55
C MET C 247 2.23 21.89 -0.06
N MET C 248 2.38 20.94 -0.98
CA MET C 248 3.16 19.73 -0.70
C MET C 248 4.07 19.43 -1.86
N SER C 249 5.23 18.84 -1.56
CA SER C 249 6.07 18.29 -2.61
C SER C 249 5.33 17.19 -3.40
N LYS C 250 5.21 17.37 -4.70
CA LYS C 250 4.59 16.34 -5.53
C LYS C 250 5.39 15.05 -5.46
N ALA C 251 6.71 15.15 -5.38
CA ALA C 251 7.54 13.96 -5.30
C ALA C 251 7.19 13.12 -4.06
N ILE C 252 6.94 13.78 -2.95
CA ILE C 252 6.55 13.08 -1.73
C ILE C 252 5.10 12.58 -1.80
N PHE C 253 4.19 13.47 -2.20
CA PHE C 253 2.78 13.13 -2.31
C PHE C 253 2.55 11.91 -3.21
N ASP C 254 3.18 11.93 -4.39
CA ASP C 254 2.91 10.91 -5.42
C ASP C 254 3.32 9.53 -4.94
N LYS C 255 4.23 9.46 -3.96
CA LYS C 255 4.77 8.20 -3.45
C LYS C 255 3.95 7.63 -2.31
N LEU C 256 3.07 8.43 -1.73
CA LEU C 256 2.23 7.97 -0.66
C LEU C 256 1.16 7.04 -1.18
N PRO C 257 0.70 6.11 -0.34
CA PRO C 257 -0.45 5.26 -0.67
C PRO C 257 -1.64 6.11 -1.09
N LYS C 258 -2.43 5.59 -2.00
CA LYS C 258 -3.54 6.34 -2.57
C LYS C 258 -4.50 6.85 -1.51
N ASP C 259 -4.80 6.02 -0.52
CA ASP C 259 -5.74 6.44 0.51
C ASP C 259 -5.20 7.65 1.28
N GLN C 260 -3.88 7.68 1.45
CA GLN C 260 -3.26 8.79 2.18
C GLN C 260 -3.23 10.06 1.35
N ARG C 261 -2.83 9.96 0.09
CA ARG C 261 -3.00 11.06 -0.87
C ARG C 261 -4.42 11.64 -0.82
N ASP C 262 -5.40 10.77 -0.93
CA ASP C 262 -6.78 11.20 -0.90
C ASP C 262 -7.13 11.94 0.40
N MET C 263 -6.63 11.47 1.54
CA MET C 263 -6.92 12.10 2.82
C MET C 263 -6.29 13.47 2.89
N LEU C 264 -5.04 13.58 2.45
CA LEU C 264 -4.37 14.88 2.41
C LEU C 264 -5.18 15.89 1.57
N MET C 265 -5.61 15.51 0.37
CA MET C 265 -6.41 16.41 -0.47
C MET C 265 -7.75 16.74 0.17
N THR C 266 -8.38 15.74 0.78
CA THR C 266 -9.72 15.94 1.32
C THR C 266 -9.66 16.90 2.49
N VAL C 267 -8.75 16.64 3.43
CA VAL C 267 -8.63 17.51 4.59
C VAL C 267 -8.09 18.86 4.15
N GLY C 268 -7.21 18.86 3.15
CA GLY C 268 -6.70 20.13 2.66
C GLY C 268 -7.81 21.06 2.20
N ALA C 269 -8.77 20.52 1.46
CA ALA C 269 -9.86 21.33 0.95
C ALA C 269 -10.76 21.80 2.08
N GLU C 270 -10.91 20.98 3.13
CA GLU C 270 -11.72 21.36 4.30
C GLU C 270 -11.17 22.61 5.01
N MET C 271 -9.86 22.83 4.93
CA MET C 271 -9.24 23.98 5.59
C MET C 271 -9.56 25.31 4.96
N GLU C 272 -10.08 25.28 3.74
CA GLU C 272 -10.29 26.51 2.98
C GLU C 272 -11.35 27.40 3.63
N LYS C 273 -12.39 26.77 4.16
CA LYS C 273 -13.45 27.51 4.86
C LYS C 273 -12.89 28.17 6.13
N PHE C 274 -11.97 27.50 6.80
CA PHE C 274 -11.34 28.04 7.98
C PHE C 274 -10.51 29.26 7.61
N ALA C 275 -9.77 29.17 6.50
CA ALA C 275 -8.97 30.29 6.02
C ALA C 275 -9.82 31.49 5.65
N LEU C 276 -10.92 31.25 4.97
CA LEU C 276 -11.86 32.32 4.61
C LEU C 276 -12.33 33.05 5.88
N GLU C 277 -12.85 32.31 6.85
CA GLU C 277 -13.37 32.86 8.09
C GLU C 277 -12.31 33.62 8.85
N ALA C 278 -11.13 33.02 8.93
CA ALA C 278 -10.07 33.59 9.76
C ALA C 278 -9.49 34.88 9.17
N ALA C 279 -9.30 34.88 7.85
CA ALA C 279 -8.81 36.08 7.18
C ALA C 279 -9.80 37.21 7.34
N LYS C 280 -11.08 36.92 7.13
CA LYS C 280 -12.10 37.96 7.33
C LYS C 280 -12.12 38.52 8.75
N LYS C 281 -11.98 37.65 9.73
CA LYS C 281 -11.96 38.09 11.12
C LYS C 281 -10.76 38.97 11.39
N ASP C 282 -9.59 38.60 10.87
CA ASP C 282 -8.44 39.44 11.10
C ASP C 282 -8.53 40.78 10.37
N ASP C 283 -9.22 40.79 9.24
CA ASP C 283 -9.42 42.03 8.49
C ASP C 283 -10.13 43.08 9.37
N ILE C 284 -11.01 42.60 10.23
CA ILE C 284 -11.72 43.45 11.17
C ILE C 284 -10.89 43.71 12.42
N ASP C 285 -10.33 42.66 13.01
CA ASP C 285 -9.66 42.81 14.30
C ASP C 285 -8.36 43.61 14.26
N VAL C 286 -7.67 43.60 13.12
CA VAL C 286 -6.39 44.34 13.03
C VAL C 286 -6.59 45.80 13.39
N ALA C 287 -7.75 46.36 13.07
CA ALA C 287 -7.98 47.78 13.31
C ALA C 287 -7.87 48.12 14.79
N ALA C 288 -8.55 47.34 15.62
CA ALA C 288 -8.64 47.64 17.04
C ALA C 288 -7.28 47.38 17.67
N VAL C 289 -6.63 46.34 17.19
CA VAL C 289 -5.30 46.01 17.69
C VAL C 289 -4.41 47.25 17.49
N TYR C 290 -4.46 47.82 16.29
CA TYR C 290 -3.58 48.96 15.98
C TYR C 290 -4.01 50.22 16.71
N GLN C 291 -5.30 50.45 16.80
CA GLN C 291 -5.77 51.65 17.50
C GLN C 291 -5.36 51.65 18.97
N LYS C 292 -5.53 50.50 19.62
CA LYS C 292 -5.20 50.36 21.04
C LYS C 292 -3.70 50.58 21.24
N ALA C 293 -2.90 50.25 20.23
CA ALA C 293 -1.45 50.38 20.34
C ALA C 293 -0.92 51.73 19.86
N GLY C 294 -1.80 52.69 19.63
CA GLY C 294 -1.35 54.04 19.33
C GLY C 294 -1.23 54.43 17.87
N ALA C 295 -1.74 53.57 17.00
CA ALA C 295 -1.70 53.83 15.58
C ALA C 295 -2.98 54.54 15.11
N LYS C 296 -2.83 55.36 14.07
CA LYS C 296 -3.97 55.93 13.38
C LYS C 296 -4.37 54.98 12.27
N VAL C 297 -5.66 54.65 12.22
CA VAL C 297 -6.19 53.58 11.39
C VAL C 297 -7.23 54.17 10.46
N VAL C 298 -7.12 53.81 9.19
CA VAL C 298 -8.07 54.27 8.19
C VAL C 298 -8.41 53.10 7.26
N ASP C 299 -9.59 53.19 6.66
CA ASP C 299 -10.05 52.20 5.71
C ASP C 299 -9.97 52.78 4.31
N LEU C 300 -10.28 51.96 3.31
CA LEU C 300 -10.21 52.38 1.91
C LEU C 300 -11.58 52.57 1.29
N SER C 301 -11.73 53.68 0.58
CA SER C 301 -12.92 53.89 -0.24
C SER C 301 -12.85 53.10 -1.57
N ASP C 302 -13.99 52.98 -2.23
CA ASP C 302 -14.02 52.28 -3.51
C ASP C 302 -13.19 53.06 -4.53
N GLY C 303 -13.26 54.39 -4.45
CA GLY C 303 -12.55 55.23 -5.39
C GLY C 303 -11.06 54.98 -5.33
N THR C 304 -10.54 54.85 -4.12
CA THR C 304 -9.10 54.66 -3.93
C THR C 304 -8.74 53.29 -4.43
N ILE C 305 -9.52 52.29 -4.05
CA ILE C 305 -9.24 50.90 -4.45
C ILE C 305 -9.17 50.84 -5.97
N LYS C 306 -10.12 51.51 -6.64
CA LYS C 306 -10.14 51.49 -8.09
C LYS C 306 -8.92 52.17 -8.69
N LYS C 307 -8.44 53.24 -8.09
CA LYS C 307 -7.24 53.92 -8.59
C LYS C 307 -6.02 53.00 -8.63
N TRP C 308 -5.83 52.22 -7.57
CA TRP C 308 -4.70 51.31 -7.49
C TRP C 308 -4.85 50.22 -8.56
N GLN C 309 -6.08 49.75 -8.74
CA GLN C 309 -6.35 48.71 -9.72
C GLN C 309 -6.19 49.20 -11.14
N ASP C 310 -6.52 50.47 -11.40
CA ASP C 310 -6.32 51.06 -12.71
C ASP C 310 -4.82 51.18 -13.05
N ILE C 311 -4.00 51.55 -12.08
CA ILE C 311 -2.55 51.55 -12.28
C ILE C 311 -2.09 50.12 -12.57
N ALA C 312 -2.67 49.15 -11.89
CA ALA C 312 -2.27 47.76 -12.10
C ALA C 312 -2.46 47.35 -13.56
N ARG C 313 -3.61 47.70 -14.13
CA ARG C 313 -3.91 47.38 -15.52
C ARG C 313 -2.90 47.96 -16.50
N LYS C 314 -2.39 49.16 -16.18
CA LYS C 314 -1.51 49.87 -17.10
C LYS C 314 -0.04 49.50 -16.91
N THR C 315 0.27 48.80 -15.82
CA THR C 315 1.65 48.47 -15.48
C THR C 315 1.81 46.97 -15.22
N ALA C 316 1.53 46.55 -13.98
CA ALA C 316 1.58 45.16 -13.57
C ALA C 316 0.99 44.20 -14.60
N TRP C 317 -0.23 44.45 -15.07
CA TRP C 317 -0.85 43.49 -15.98
C TRP C 317 -0.05 43.33 -17.26
N LYS C 318 0.50 44.43 -17.77
CA LYS C 318 1.27 44.37 -19.03
C LYS C 318 2.64 43.71 -18.82
N ASP C 319 3.28 44.00 -17.69
CA ASP C 319 4.53 43.32 -17.37
C ASP C 319 4.33 41.81 -17.25
N TYR C 320 3.27 41.43 -16.54
CA TYR C 320 2.98 40.02 -16.30
C TYR C 320 2.67 39.27 -17.60
N GLY C 321 1.68 39.75 -18.34
CA GLY C 321 1.26 39.08 -19.55
C GLY C 321 2.37 38.93 -20.57
N ALA C 322 3.26 39.93 -20.61
CA ALA C 322 4.29 40.00 -21.63
C ALA C 322 5.47 39.10 -21.29
N LYS C 323 5.50 38.59 -20.08
CA LYS C 323 6.64 37.82 -19.60
C LYS C 323 6.83 36.53 -20.37
N ASN C 324 5.76 35.74 -20.47
CA ASN C 324 5.76 34.54 -21.29
C ASN C 324 4.33 34.12 -21.60
N GLU C 325 4.21 33.12 -22.47
CA GLU C 325 2.93 32.68 -22.97
C GLU C 325 2.05 32.16 -21.84
N GLY C 326 2.69 31.52 -20.87
CA GLY C 326 2.00 30.98 -19.70
C GLY C 326 1.35 32.10 -18.90
N CYS C 327 2.04 33.22 -18.77
CA CYS C 327 1.49 34.36 -18.03
C CYS C 327 0.33 34.99 -18.81
N ALA C 328 0.48 35.15 -20.11
CA ALA C 328 -0.59 35.72 -20.91
C ALA C 328 -1.86 34.91 -20.73
N LYS C 329 -1.75 33.59 -20.73
CA LYS C 329 -2.94 32.73 -20.63
C LYS C 329 -3.58 32.87 -19.26
N LEU C 330 -2.75 32.80 -18.22
CA LEU C 330 -3.27 32.94 -16.86
C LEU C 330 -4.00 34.27 -16.68
N LEU C 331 -3.43 35.33 -17.24
CA LEU C 331 -4.04 36.65 -17.15
C LEU C 331 -5.40 36.70 -17.85
N ALA C 332 -5.52 36.08 -19.02
CA ALA C 332 -6.80 36.12 -19.75
C ALA C 332 -7.85 35.32 -18.99
N LEU C 333 -7.45 34.16 -18.48
CA LEU C 333 -8.38 33.33 -17.72
C LEU C 333 -8.81 34.01 -16.41
N ALA C 334 -7.89 34.73 -15.77
CA ALA C 334 -8.22 35.42 -14.51
C ALA C 334 -9.28 36.47 -14.78
N GLN C 335 -9.14 37.16 -15.90
CA GLN C 335 -10.09 38.24 -16.19
C GLN C 335 -11.49 37.69 -16.41
N GLN C 336 -11.57 36.44 -16.88
CA GLN C 336 -12.87 35.77 -17.05
C GLN C 336 -13.57 35.48 -15.73
N THR C 337 -12.92 35.70 -14.58
CA THR C 337 -13.59 35.53 -13.30
C THR C 337 -14.13 36.82 -12.68
N LEU C 338 -13.91 37.94 -13.35
CA LEU C 338 -14.36 39.24 -12.83
C LEU C 338 -15.77 39.51 -13.29
N ALA C 339 -16.66 39.75 -12.34
CA ALA C 339 -18.10 39.80 -12.61
C ALA C 339 -18.46 40.83 -13.67
N GLU C 340 -17.71 41.92 -13.72
CA GLU C 340 -18.04 43.02 -14.64
C GLU C 340 -17.40 42.85 -16.03
N ASN C 341 -16.58 41.82 -16.22
CA ASN C 341 -15.96 41.59 -17.52
C ASN C 341 -17.00 41.11 -18.54
N LEU C 342 -16.95 41.66 -19.73
CA LEU C 342 -17.80 41.22 -20.81
C LEU C 342 -17.71 39.72 -20.95
N TYR C 343 -16.50 39.20 -20.75
CA TYR C 343 -16.20 37.80 -21.02
C TYR C 343 -16.22 36.94 -19.75
N PHE C 344 -16.90 37.42 -18.72
CA PHE C 344 -17.14 36.62 -17.53
C PHE C 344 -17.81 35.28 -17.83
N GLN C 345 -17.32 34.23 -17.17
CA GLN C 345 -17.99 32.92 -17.16
C GLN C 345 -17.90 32.40 -15.74
C1 MLI D . -19.83 -25.90 15.92
C2 MLI D . -20.18 -27.29 16.37
C3 MLI D . -19.37 -25.89 14.50
O6 MLI D . -21.22 -27.80 15.90
O7 MLI D . -19.50 -27.86 17.25
O8 MLI D . -19.52 -24.84 13.83
O9 MLI D . -18.76 -26.88 14.01
H11 MLI D . -20.62 -25.35 16.00
H12 MLI D . -19.13 -25.56 16.48
N1 EPE E . -12.58 -36.09 -4.26
C2 EPE E . -11.99 -34.77 -4.40
C3 EPE E . -11.94 -34.41 -5.88
N4 EPE E . -13.21 -34.66 -6.54
C5 EPE E . -13.87 -35.95 -6.32
C6 EPE E . -13.91 -36.33 -4.85
C7 EPE E . -13.45 -33.90 -7.75
C8 EPE E . -14.94 -33.71 -7.98
O8 EPE E . -15.29 -32.35 -8.17
C9 EPE E . -11.86 -37.15 -3.56
C10 EPE E . -12.67 -37.66 -2.40
S EPE E . -11.68 -38.78 -1.38
O1S EPE E . -10.27 -38.68 -1.72
O2S EPE E . -12.14 -40.15 -1.61
O3S EPE E . -11.86 -38.40 0.02
H21 EPE E . -11.00 -34.75 -3.97
H22 EPE E . -12.60 -34.03 -3.87
H31 EPE E . -11.67 -33.36 -5.99
H32 EPE E . -11.16 -35.00 -6.36
H51 EPE E . -14.89 -35.90 -6.70
H52 EPE E . -13.35 -36.73 -6.87
H61 EPE E . -14.64 -35.72 -4.33
H62 EPE E . -14.18 -37.37 -4.74
H71 EPE E . -12.97 -32.92 -7.68
H72 EPE E . -13.01 -34.42 -8.60
H81 EPE E . -15.24 -34.29 -8.87
H82 EPE E . -15.48 -34.12 -7.13
HO8 EPE E . -14.49 -31.80 -8.11
H91 EPE E . -11.65 -37.97 -4.25
H92 EPE E . -10.91 -36.77 -3.20
H101 EPE E . -13.02 -36.82 -1.79
H102 EPE E . -13.55 -38.19 -2.77
N1 EPE F . -23.20 -44.29 3.80
C2 EPE F . -23.28 -43.81 5.20
C3 EPE F . -23.54 -44.95 6.17
N4 EPE F . -24.55 -45.86 5.67
C5 EPE F . -25.18 -45.64 4.39
C6 EPE F . -24.13 -45.33 3.34
C7 EPE F . -25.03 -46.92 6.54
C8 EPE F . -25.46 -46.34 7.89
O8 EPE F . -24.40 -46.40 8.81
C9 EPE F . -23.23 -43.14 2.92
C10 EPE F . -21.78 -42.95 2.54
S EPE F . -21.58 -41.49 1.52
O1S EPE F . -22.28 -41.75 0.25
O2S EPE F . -20.17 -41.18 1.33
O3S EPE F . -22.28 -40.36 2.15
H21 EPE F . -24.08 -43.08 5.28
H22 EPE F . -22.35 -43.32 5.46
H31 EPE F . -23.86 -44.54 7.12
H32 EPE F . -22.62 -45.50 6.33
H51 EPE F . -25.75 -46.53 4.09
H52 EPE F . -25.88 -44.81 4.46
H61 EPE F . -24.62 -45.01 2.43
H62 EPE F . -23.57 -46.25 3.12
H71 EPE F . -25.87 -47.42 6.08
H72 EPE F . -24.25 -47.65 6.70
H81 EPE F . -26.31 -46.92 8.28
H82 EPE F . -25.79 -45.31 7.76
HO8 EPE F . -23.61 -46.79 8.38
H91 EPE F . -23.61 -42.25 3.43
H92 EPE F . -23.84 -43.32 2.04
H101 EPE F . -21.18 -42.85 3.45
H102 EPE F . -21.43 -43.83 2.00
C1 MLI G . 18.81 -11.39 -15.23
C2 MLI G . 19.05 -10.09 -14.51
C3 MLI G . 17.92 -12.30 -14.47
O6 MLI G . 20.13 -9.44 -14.68
O7 MLI G . 18.15 -9.66 -13.74
O8 MLI G . 16.78 -12.61 -14.90
O9 MLI G . 18.33 -12.84 -13.39
H11 MLI G . 18.40 -11.18 -16.09
H12 MLI G . 19.65 -11.83 -15.38
C1 MLI H . 2.60 37.40 3.07
C2 MLI H . 1.98 37.66 4.41
C3 MLI H . 3.42 38.56 2.62
O6 MLI H . 0.74 37.72 4.49
O7 MLI H . 2.75 37.77 5.40
O8 MLI H . 4.45 38.37 1.93
O9 MLI H . 3.10 39.74 2.94
H11 MLI H . 1.89 37.24 2.43
H12 MLI H . 3.17 36.61 3.12
#